data_7UBU
#
_entry.id   7UBU
#
_cell.length_a   64.574
_cell.length_b   121.392
_cell.length_c   160.446
_cell.angle_alpha   90.000
_cell.angle_beta   90.000
_cell.angle_gamma   90.000
#
_symmetry.space_group_name_H-M   'P 21 21 21'
#
loop_
_entity.id
_entity.type
_entity.pdbx_description
1 polymer 'DNA (cytosine-5)-methyltransferase 1'
2 polymer 'Histone H3.2'
3 polymer '5MC SSDNA'
4 polymer 'C49 SSDNA'
5 non-polymer S-ADENOSYL-L-HOMOCYSTEINE
6 water water
#
loop_
_entity_poly.entity_id
_entity_poly.type
_entity_poly.pdbx_seq_one_letter_code
_entity_poly.pdbx_strand_id
1 'polypeptide(L)'
;AGDHEPEFIGSPVAADEARSNWPKRYGRSTAAKKPDEEEELKARCHYRSAKVDNVVYCLGDDVYVKAGENEADYIGRITE
FFEGTDQCHYFTCRWFFRAEDTVINSLVSISVDGHKHDPRRVFLSEEKNDNVLDCIISKVKIVHVDPNMDPKAKAQLIES
CDLYYDMSYSVAYSTFANISSENGQSGSDTASGISSDDVDLETSSSMPTRTATLLDLYSGCGGMSTGLCLGAALSGLKLE
TRWAVDFNSFACQSLKYNHPQTEVRNEKADEFLALLKEWAVLCKKYVQDVDSNLASSEDQADEDSPLDKDEFVVEKLVGI
CYGGSDRENGIYFKVQWEGYGPEEDTWEPIDNLSDCPQKIREFVQEGHKRKILPLPGDVDVICGGPPCQGISGFNRYRNR
DEPLKDEKNKQMVTFMDIVAYLKPKYVLMENVVDILKFADGYLGKYALSCLVAMKYQARLGMMVAGCYGLPQFRMRVFLW
GALSSMVLPKYPLPTYDVVVRGGAPNAFSQCMVAYDETQKPSLKKALLLGDAISDLPKVQNHQPNDVMEYGGSPKTEFQR
YIRLSRKDMLDWSFGEGAGPDEGKLLDHQPLRLNNDDYERVQQIPVKKGANFRDLKGVRVGANNIVEWDPEIERVKLSSG
KPLVPDYAMSFIKGKSLKPFGRLWWDETVPTVVTRAEPHNQVIIHPTQARVLTIRENARLQGFPDYYRLFGPIKEKYIQV
GNAVAVPVARALGYCLGQAYLGESEGSDPLYQLPPSFTSVGGRTAGQARASPVGTPAGEVVEQ
;
A
2 'polypeptide(L)' SARTKQTAR(M2L)STGGKAPRKQLATKAARKSAPAT P,Q
3 'polydeoxyribonucleotide' (DT)(DA)(DA)(DA)(DT)(DT)(5MC)(DT)(DG)(DA)(DT)(DT)(DA)(DG)(DG)(DA)(DA)(DT) B
4 'polydeoxyribonucleotide' (DA)(DT)(DT)(DC)(DC)(DT)(DA)(DA)(DT)(C49)(DA)(DG)(DA)(DA)(DT)(DT)(DT)(DA) C
#
loop_
_chem_comp.id
_chem_comp.type
_chem_comp.name
_chem_comp.formula
5MC RNA linking 5-METHYLCYTIDINE-5'-MONOPHOSPHATE 'C10 H16 N3 O8 P'
C49 DNA linking 4-THIO,5-FLUORO,5-METHYL-2'-DEOXY-CYTIDINE-5'-MONOPHOSPHATE 'C10 H15 F N3 O7 P S'
DA DNA linking 2'-DEOXYADENOSINE-5'-MONOPHOSPHATE 'C10 H14 N5 O6 P'
DC DNA linking 2'-DEOXYCYTIDINE-5'-MONOPHOSPHATE 'C9 H14 N3 O7 P'
DG DNA linking 2'-DEOXYGUANOSINE-5'-MONOPHOSPHATE 'C10 H14 N5 O7 P'
DT DNA linking THYMIDINE-5'-MONOPHOSPHATE 'C10 H15 N2 O8 P'
SAH non-polymer S-ADENOSYL-L-HOMOCYSTEINE 'C14 H20 N6 O5 S'
#
# COMPACT_ATOMS: atom_id res chain seq x y z
N HIS A 4 -47.89 -23.63 16.03
CA HIS A 4 -47.26 -24.94 15.96
C HIS A 4 -45.76 -24.82 16.25
N GLU A 5 -45.34 -25.31 17.42
CA GLU A 5 -44.01 -24.98 17.95
C GLU A 5 -42.90 -25.65 17.14
N PRO A 6 -41.72 -25.03 17.09
CA PRO A 6 -40.59 -25.67 16.41
C PRO A 6 -40.05 -26.84 17.20
N GLU A 7 -39.78 -27.95 16.49
CA GLU A 7 -39.38 -29.19 17.11
C GLU A 7 -38.34 -29.88 16.23
N PHE A 8 -37.67 -30.86 16.81
CA PHE A 8 -36.72 -31.66 16.05
C PHE A 8 -37.44 -32.83 15.39
N ILE A 9 -37.00 -33.19 14.19
CA ILE A 9 -37.62 -34.26 13.41
C ILE A 9 -36.66 -35.45 13.35
N GLY A 10 -37.20 -36.64 13.62
CA GLY A 10 -36.44 -37.88 13.50
C GLY A 10 -35.86 -38.35 14.82
N SER A 11 -35.09 -39.43 14.72
CA SER A 11 -34.45 -40.03 15.89
C SER A 11 -33.16 -39.29 16.23
N PRO A 12 -32.85 -39.14 17.53
CA PRO A 12 -31.59 -38.47 17.90
C PRO A 12 -30.40 -39.16 17.26
N VAL A 13 -29.43 -38.35 16.84
CA VAL A 13 -28.21 -38.87 16.22
C VAL A 13 -27.59 -39.91 17.15
N ALA A 14 -27.19 -41.05 16.57
CA ALA A 14 -26.54 -42.10 17.33
C ALA A 14 -25.44 -41.53 18.21
N ALA A 15 -25.49 -41.87 19.50
CA ALA A 15 -24.64 -41.23 20.50
C ALA A 15 -23.17 -41.26 20.10
N ASP A 16 -22.67 -42.43 19.68
CA ASP A 16 -21.28 -42.52 19.26
C ASP A 16 -20.98 -41.53 18.15
N GLU A 17 -21.84 -41.47 17.14
CA GLU A 17 -21.59 -40.58 16.02
C GLU A 17 -21.82 -39.12 16.40
N ALA A 18 -22.72 -38.87 17.34
CA ALA A 18 -22.99 -37.49 17.75
C ALA A 18 -21.78 -36.91 18.48
N ARG A 19 -21.21 -37.67 19.42
CA ARG A 19 -20.06 -37.19 20.16
C ARG A 19 -18.83 -37.07 19.27
N SER A 20 -18.67 -38.00 18.33
CA SER A 20 -17.49 -37.96 17.47
C SER A 20 -17.49 -36.72 16.58
N ASN A 21 -18.66 -36.36 16.04
CA ASN A 21 -18.72 -35.24 15.09
C ASN A 21 -18.68 -33.88 15.76
N TRP A 22 -19.28 -33.76 16.95
CA TRP A 22 -19.33 -32.50 17.69
C TRP A 22 -18.85 -32.74 19.12
N PRO A 23 -17.55 -32.99 19.30
CA PRO A 23 -17.05 -33.39 20.61
C PRO A 23 -17.17 -32.29 21.66
N LYS A 24 -17.17 -31.03 21.27
CA LYS A 24 -17.24 -29.97 22.27
C LYS A 24 -18.61 -29.85 22.91
N ARG A 25 -19.59 -30.63 22.46
CA ARG A 25 -20.93 -30.59 23.02
C ARG A 25 -21.12 -31.55 24.19
N TYR A 26 -20.15 -32.42 24.46
CA TYR A 26 -20.26 -33.42 25.51
C TYR A 26 -19.00 -33.39 26.38
N GLY A 27 -18.99 -34.23 27.41
CA GLY A 27 -17.85 -34.33 28.31
C GLY A 27 -17.74 -33.15 29.26
N ARG A 28 -16.87 -33.26 30.25
CA ARG A 28 -16.69 -32.20 31.23
C ARG A 28 -15.65 -31.19 30.75
N GLU A 39 -17.88 -20.24 27.49
CA GLU A 39 -19.04 -21.03 27.93
C GLU A 39 -19.83 -21.60 26.74
N GLU A 40 -19.23 -22.57 26.05
CA GLU A 40 -19.89 -23.18 24.89
C GLU A 40 -21.10 -24.00 25.32
N LEU A 41 -22.16 -23.91 24.53
CA LEU A 41 -23.43 -24.58 24.83
C LEU A 41 -23.28 -26.08 24.64
N LYS A 42 -23.42 -26.85 25.72
CA LYS A 42 -23.24 -28.30 25.62
C LYS A 42 -24.59 -28.96 25.38
N ALA A 43 -24.56 -30.09 24.69
CA ALA A 43 -25.77 -30.74 24.17
C ALA A 43 -26.12 -31.99 24.96
N ARG A 44 -27.41 -32.27 25.02
CA ARG A 44 -27.88 -33.54 25.56
C ARG A 44 -27.99 -34.58 24.46
N CYS A 45 -28.42 -34.16 23.28
CA CYS A 45 -28.48 -35.06 22.13
C CYS A 45 -28.59 -34.22 20.85
N HIS A 46 -28.18 -34.83 19.74
CA HIS A 46 -28.11 -34.15 18.45
C HIS A 46 -29.17 -34.71 17.51
N TYR A 47 -29.59 -33.88 16.56
CA TYR A 47 -30.59 -34.29 15.59
C TYR A 47 -30.11 -33.99 14.18
N ARG A 48 -30.73 -34.67 13.21
CA ARG A 48 -30.41 -34.47 11.82
C ARG A 48 -31.38 -33.52 11.13
N SER A 49 -32.53 -33.24 11.74
CA SER A 49 -33.56 -32.47 11.08
C SER A 49 -34.40 -31.73 12.12
N ALA A 50 -35.01 -30.64 11.67
CA ALA A 50 -35.86 -29.82 12.52
C ALA A 50 -36.92 -29.17 11.64
N LYS A 51 -38.13 -29.05 12.16
CA LYS A 51 -39.24 -28.42 11.46
C LYS A 51 -39.59 -27.11 12.16
N VAL A 52 -39.60 -26.03 11.40
CA VAL A 52 -39.88 -24.68 11.88
C VAL A 52 -40.89 -24.06 10.93
N ASP A 53 -42.08 -23.73 11.44
CA ASP A 53 -43.13 -23.09 10.66
C ASP A 53 -43.44 -23.93 9.42
N ASN A 54 -43.75 -25.19 9.66
CA ASN A 54 -44.21 -26.16 8.66
C ASN A 54 -43.17 -26.47 7.59
N VAL A 55 -41.91 -26.10 7.77
CA VAL A 55 -40.88 -26.43 6.79
C VAL A 55 -39.86 -27.33 7.48
N VAL A 56 -39.40 -28.36 6.78
CA VAL A 56 -38.40 -29.29 7.31
C VAL A 56 -37.02 -28.81 6.89
N TYR A 57 -36.12 -28.68 7.86
CA TYR A 57 -34.73 -28.28 7.62
C TYR A 57 -33.80 -29.41 8.00
N CYS A 58 -32.73 -29.57 7.21
CA CYS A 58 -31.74 -30.62 7.44
C CYS A 58 -30.35 -30.03 7.60
N LEU A 59 -29.46 -30.82 8.20
CA LEU A 59 -28.05 -30.44 8.30
C LEU A 59 -27.49 -30.13 6.91
N GLY A 60 -26.73 -29.04 6.82
CA GLY A 60 -26.18 -28.58 5.57
C GLY A 60 -27.06 -27.59 4.82
N ASP A 61 -28.35 -27.52 5.12
CA ASP A 61 -29.23 -26.56 4.46
C ASP A 61 -28.75 -25.14 4.72
N ASP A 62 -28.84 -24.30 3.70
CA ASP A 62 -28.61 -22.86 3.84
C ASP A 62 -29.94 -22.16 4.13
N VAL A 63 -29.97 -21.31 5.15
CA VAL A 63 -31.22 -20.70 5.57
C VAL A 63 -31.04 -19.20 5.77
N TYR A 64 -32.17 -18.49 5.67
CA TYR A 64 -32.23 -17.13 6.15
C TYR A 64 -32.56 -17.17 7.64
N VAL A 65 -31.91 -16.30 8.41
CA VAL A 65 -32.09 -16.28 9.86
C VAL A 65 -32.46 -14.86 10.27
N LYS A 66 -33.37 -14.73 11.22
CA LYS A 66 -33.91 -13.44 11.62
C LYS A 66 -32.84 -12.62 12.34
N ALA A 67 -32.79 -11.32 12.05
CA ALA A 67 -31.84 -10.42 12.66
C ALA A 67 -32.53 -9.29 13.39
N GLY A 68 -31.82 -8.20 13.65
CA GLY A 68 -32.39 -7.07 14.36
C GLY A 68 -33.50 -6.40 13.57
N GLU A 69 -34.21 -5.50 14.24
CA GLU A 69 -35.31 -4.80 13.60
C GLU A 69 -34.80 -4.01 12.41
N ASN A 70 -35.52 -4.12 11.29
CA ASN A 70 -35.22 -3.39 10.05
C ASN A 70 -33.75 -3.57 9.62
N GLU A 71 -33.19 -4.75 9.89
CA GLU A 71 -31.86 -5.12 9.46
C GLU A 71 -31.96 -6.35 8.56
N ALA A 72 -31.08 -6.44 7.57
CA ALA A 72 -31.13 -7.53 6.61
C ALA A 72 -31.00 -8.87 7.32
N ASP A 73 -31.82 -9.83 6.91
CA ASP A 73 -31.79 -11.18 7.48
C ASP A 73 -30.41 -11.80 7.29
N TYR A 74 -30.01 -12.61 8.26
CA TYR A 74 -28.73 -13.31 8.18
C TYR A 74 -28.85 -14.53 7.27
N ILE A 75 -27.69 -15.00 6.81
CA ILE A 75 -27.60 -16.14 5.90
C ILE A 75 -26.58 -17.11 6.49
N GLY A 76 -26.98 -18.37 6.70
CA GLY A 76 -26.16 -19.30 7.43
C GLY A 76 -26.30 -20.72 6.92
N ARG A 77 -25.25 -21.51 7.14
CA ARG A 77 -25.24 -22.92 6.76
C ARG A 77 -25.36 -23.74 8.03
N ILE A 78 -26.45 -24.50 8.14
CA ILE A 78 -26.72 -25.27 9.35
C ILE A 78 -25.67 -26.38 9.47
N THR A 79 -25.09 -26.50 10.66
CA THR A 79 -24.11 -27.54 10.94
C THR A 79 -24.48 -28.43 12.12
N GLU A 80 -25.41 -28.02 12.98
CA GLU A 80 -25.80 -28.81 14.14
C GLU A 80 -27.27 -28.58 14.44
N PHE A 81 -27.97 -29.66 14.76
CA PHE A 81 -29.30 -29.62 15.37
C PHE A 81 -29.17 -30.35 16.70
N PHE A 82 -29.29 -29.62 17.81
CA PHE A 82 -29.16 -30.29 19.10
C PHE A 82 -30.10 -29.67 20.13
N GLU A 83 -30.48 -30.48 21.11
CA GLU A 83 -31.17 -29.99 22.29
C GLU A 83 -30.14 -29.79 23.38
N GLY A 84 -30.09 -28.57 23.93
CA GLY A 84 -29.12 -28.27 24.95
C GLY A 84 -29.43 -28.98 26.26
N THR A 85 -28.51 -28.84 27.20
CA THR A 85 -28.75 -29.32 28.56
C THR A 85 -29.70 -28.41 29.32
N ASP A 86 -30.28 -27.41 28.66
CA ASP A 86 -31.27 -26.51 29.24
C ASP A 86 -32.68 -26.74 28.70
N GLN A 87 -32.92 -27.92 28.12
CA GLN A 87 -34.19 -28.33 27.51
C GLN A 87 -34.57 -27.52 26.29
N CYS A 88 -33.71 -26.60 25.83
CA CYS A 88 -34.06 -25.74 24.70
C CYS A 88 -33.59 -26.34 23.38
N HIS A 89 -34.22 -25.90 22.28
CA HIS A 89 -33.94 -26.41 20.93
C HIS A 89 -33.02 -25.43 20.22
N TYR A 90 -31.80 -25.88 19.91
CA TYR A 90 -30.79 -25.04 19.31
C TYR A 90 -30.39 -25.53 17.93
N PHE A 91 -29.88 -24.61 17.12
CA PHE A 91 -29.20 -24.97 15.90
C PHE A 91 -27.93 -24.16 15.80
N THR A 92 -26.96 -24.70 15.09
CA THR A 92 -25.69 -24.02 14.86
C THR A 92 -25.55 -23.79 13.37
N CYS A 93 -25.26 -22.55 12.97
CA CYS A 93 -24.90 -22.31 11.58
C CYS A 93 -23.58 -21.57 11.55
N ARG A 94 -22.89 -21.71 10.44
CA ARG A 94 -21.78 -20.83 10.13
C ARG A 94 -22.24 -19.79 9.13
N TRP A 95 -21.81 -18.56 9.34
CA TRP A 95 -22.40 -17.41 8.68
C TRP A 95 -21.83 -17.20 7.28
N PHE A 96 -22.71 -16.83 6.36
CA PHE A 96 -22.31 -16.23 5.10
C PHE A 96 -22.29 -14.72 5.29
N PHE A 97 -21.33 -14.05 4.66
CA PHE A 97 -21.24 -12.60 4.71
C PHE A 97 -21.75 -12.04 3.40
N ARG A 98 -22.62 -11.03 3.48
CA ARG A 98 -22.83 -10.17 2.32
C ARG A 98 -21.62 -9.25 2.17
N ALA A 99 -21.46 -8.72 0.96
CA ALA A 99 -20.39 -7.77 0.69
C ALA A 99 -20.41 -6.63 1.71
N GLU A 100 -21.60 -6.11 2.02
CA GLU A 100 -21.72 -5.01 2.98
C GLU A 100 -21.57 -5.48 4.43
N ASP A 101 -21.62 -6.80 4.70
CA ASP A 101 -21.42 -7.31 6.05
C ASP A 101 -19.95 -7.37 6.43
N THR A 102 -19.10 -7.53 5.43
CA THR A 102 -17.66 -7.44 5.62
C THR A 102 -17.27 -6.00 5.92
N VAL A 103 -15.97 -5.72 5.84
CA VAL A 103 -15.46 -4.43 6.27
C VAL A 103 -15.73 -3.38 5.19
N ILE A 104 -16.23 -3.82 4.03
CA ILE A 104 -16.58 -2.89 2.96
C ILE A 104 -17.69 -1.94 3.40
N ASN A 105 -18.75 -2.48 4.00
CA ASN A 105 -19.86 -1.71 4.56
C ASN A 105 -20.47 -0.86 3.45
N SER A 106 -20.55 0.47 3.58
CA SER A 106 -21.32 1.32 2.65
C SER A 106 -20.73 1.38 1.26
N LEU A 107 -19.52 0.88 1.08
CA LEU A 107 -18.82 1.01 -0.20
C LEU A 107 -19.20 -0.11 -1.16
N VAL A 108 -20.25 -0.89 -0.83
CA VAL A 108 -20.83 -1.79 -1.81
C VAL A 108 -21.51 -1.06 -2.95
N SER A 109 -21.73 0.26 -2.80
CA SER A 109 -22.43 1.05 -3.80
C SER A 109 -21.59 1.35 -5.05
N ILE A 110 -20.27 1.15 -4.98
CA ILE A 110 -19.35 1.73 -5.96
C ILE A 110 -19.31 0.96 -7.27
N SER A 111 -18.60 1.50 -8.26
CA SER A 111 -18.44 0.93 -9.58
C SER A 111 -17.01 1.13 -10.04
N VAL A 112 -16.39 0.10 -10.62
CA VAL A 112 -15.04 0.16 -11.16
C VAL A 112 -15.09 -0.40 -12.57
N ASP A 113 -15.05 0.47 -13.57
CA ASP A 113 -15.08 0.03 -14.97
C ASP A 113 -16.29 -0.86 -15.23
N GLY A 114 -17.47 -0.39 -14.83
CA GLY A 114 -18.69 -1.14 -14.97
C GLY A 114 -18.89 -2.27 -13.99
N HIS A 115 -17.84 -2.73 -13.30
CA HIS A 115 -18.01 -3.78 -12.31
C HIS A 115 -18.70 -3.22 -11.08
N LYS A 116 -19.76 -3.90 -10.64
CA LYS A 116 -20.41 -3.63 -9.37
C LYS A 116 -20.53 -4.93 -8.61
N HIS A 117 -20.88 -4.82 -7.34
CA HIS A 117 -21.06 -5.98 -6.49
C HIS A 117 -22.38 -6.67 -6.84
N ASP A 118 -22.31 -7.96 -7.14
CA ASP A 118 -23.51 -8.74 -7.39
C ASP A 118 -24.29 -8.95 -6.10
N PRO A 119 -25.59 -8.60 -6.06
CA PRO A 119 -26.37 -8.86 -4.84
C PRO A 119 -26.51 -10.33 -4.50
N ARG A 120 -26.34 -11.23 -5.47
CA ARG A 120 -26.46 -12.67 -5.23
C ARG A 120 -25.15 -13.31 -4.77
N ARG A 121 -24.08 -12.53 -4.67
CA ARG A 121 -22.75 -13.05 -4.36
C ARG A 121 -22.47 -12.84 -2.88
N VAL A 122 -22.42 -13.93 -2.11
CA VAL A 122 -22.12 -13.87 -0.69
C VAL A 122 -20.75 -14.51 -0.48
N PHE A 123 -20.29 -14.59 0.78
CA PHE A 123 -18.96 -15.10 1.08
C PHE A 123 -19.05 -16.00 2.30
N LEU A 124 -18.71 -17.28 2.13
CA LEU A 124 -18.81 -18.25 3.22
C LEU A 124 -17.75 -17.97 4.28
N SER A 125 -18.17 -17.72 5.50
CA SER A 125 -17.22 -17.54 6.58
C SER A 125 -17.11 -18.83 7.40
N GLU A 126 -16.25 -18.80 8.40
CA GLU A 126 -16.16 -19.85 9.40
C GLU A 126 -16.71 -19.42 10.75
N GLU A 127 -17.31 -18.24 10.81
CA GLU A 127 -17.92 -17.78 12.05
C GLU A 127 -19.17 -18.60 12.32
N LYS A 128 -19.28 -19.15 13.52
CA LYS A 128 -20.44 -19.93 13.91
C LYS A 128 -21.20 -19.20 15.00
N ASN A 129 -22.45 -19.61 15.20
CA ASN A 129 -23.21 -19.13 16.34
C ASN A 129 -24.29 -20.16 16.65
N ASP A 130 -24.75 -20.14 17.89
CA ASP A 130 -25.85 -21.00 18.33
C ASP A 130 -27.09 -20.16 18.55
N ASN A 131 -28.21 -20.59 17.97
CA ASN A 131 -29.49 -19.90 18.13
C ASN A 131 -30.63 -20.89 18.28
N VAL A 132 -31.76 -20.41 18.81
CA VAL A 132 -32.94 -21.25 18.93
C VAL A 132 -33.57 -21.45 17.56
N LEU A 133 -34.26 -22.59 17.41
CA LEU A 133 -34.90 -22.91 16.14
C LEU A 133 -35.81 -21.78 15.67
N ASP A 134 -36.44 -21.06 16.60
CA ASP A 134 -37.38 -20.01 16.25
C ASP A 134 -36.77 -18.89 15.39
N CYS A 135 -35.47 -18.88 15.16
CA CYS A 135 -34.86 -17.82 14.36
C CYS A 135 -34.85 -18.11 12.86
N ILE A 136 -35.01 -19.38 12.47
CA ILE A 136 -34.89 -19.76 11.06
C ILE A 136 -36.08 -19.22 10.27
N ILE A 137 -35.80 -18.46 9.21
CA ILE A 137 -36.86 -17.88 8.40
C ILE A 137 -37.27 -18.85 7.30
N SER A 138 -36.33 -19.18 6.41
CA SER A 138 -36.67 -19.96 5.24
C SER A 138 -35.38 -20.54 4.68
N LYS A 139 -35.52 -21.53 3.81
CA LYS A 139 -34.38 -22.05 3.09
C LYS A 139 -33.98 -21.10 1.97
N VAL A 140 -32.75 -21.28 1.50
CA VAL A 140 -32.20 -20.53 0.36
C VAL A 140 -31.20 -21.42 -0.34
N LYS A 141 -31.28 -21.49 -1.66
CA LYS A 141 -30.33 -22.28 -2.44
C LYS A 141 -29.12 -21.42 -2.74
N ILE A 142 -27.98 -21.78 -2.17
CA ILE A 142 -26.70 -21.13 -2.43
C ILE A 142 -25.77 -22.16 -3.05
N VAL A 143 -25.15 -21.79 -4.18
CA VAL A 143 -24.24 -22.69 -4.87
C VAL A 143 -22.82 -22.15 -4.73
N HIS A 144 -21.87 -23.07 -4.86
CA HIS A 144 -20.45 -22.75 -4.80
C HIS A 144 -19.93 -22.69 -6.24
N VAL A 145 -19.52 -21.50 -6.67
CA VAL A 145 -18.96 -21.31 -8.00
C VAL A 145 -17.44 -21.35 -7.89
N ASP A 146 -16.81 -22.25 -8.64
CA ASP A 146 -15.36 -22.21 -8.74
C ASP A 146 -14.98 -20.99 -9.56
N PRO A 147 -14.13 -20.10 -9.05
CA PRO A 147 -13.78 -18.89 -9.83
C PRO A 147 -13.06 -19.22 -11.12
N ASN A 148 -12.32 -20.33 -11.16
CA ASN A 148 -11.60 -20.76 -12.35
C ASN A 148 -12.41 -21.69 -13.23
N MET A 149 -13.73 -21.68 -13.09
CA MET A 149 -14.58 -22.49 -13.95
C MET A 149 -14.64 -21.90 -15.36
N ASP A 150 -15.27 -22.65 -16.26
CA ASP A 150 -15.57 -22.13 -17.58
C ASP A 150 -16.68 -21.10 -17.41
N PRO A 151 -16.55 -19.92 -18.01
CA PRO A 151 -17.63 -18.91 -17.92
C PRO A 151 -18.99 -19.41 -18.38
N LYS A 152 -19.06 -20.31 -19.35
CA LYS A 152 -20.36 -20.87 -19.73
C LYS A 152 -20.92 -21.74 -18.61
N ALA A 153 -20.08 -22.61 -18.05
CA ALA A 153 -20.52 -23.44 -16.94
C ALA A 153 -20.85 -22.61 -15.71
N LYS A 154 -20.14 -21.49 -15.51
CA LYS A 154 -20.54 -20.52 -14.50
C LYS A 154 -21.99 -20.10 -14.67
N ALA A 155 -22.29 -19.43 -15.79
CA ALA A 155 -23.63 -18.86 -16.02
C ALA A 155 -24.73 -19.87 -15.73
N GLN A 156 -24.58 -21.10 -16.24
CA GLN A 156 -25.62 -22.11 -15.99
C GLN A 156 -25.69 -22.51 -14.52
N LEU A 157 -24.62 -22.26 -13.75
CA LEU A 157 -24.65 -22.54 -12.31
C LEU A 157 -25.27 -21.39 -11.52
N ILE A 158 -24.90 -20.15 -11.82
CA ILE A 158 -25.61 -19.03 -11.20
C ILE A 158 -27.06 -18.93 -11.69
N GLU A 159 -27.36 -19.40 -12.91
CA GLU A 159 -28.76 -19.49 -13.34
C GLU A 159 -29.57 -20.34 -12.39
N SER A 160 -28.94 -21.37 -11.79
CA SER A 160 -29.64 -22.33 -10.96
C SER A 160 -29.91 -21.84 -9.54
N CYS A 161 -29.26 -20.77 -9.09
CA CYS A 161 -29.18 -20.47 -7.67
C CYS A 161 -30.02 -19.25 -7.29
N ASP A 162 -30.18 -19.07 -5.99
CA ASP A 162 -30.64 -17.83 -5.39
C ASP A 162 -29.47 -16.94 -5.03
N LEU A 163 -28.52 -17.46 -4.27
CA LEU A 163 -27.26 -16.82 -3.99
C LEU A 163 -26.13 -17.75 -4.42
N TYR A 164 -24.94 -17.18 -4.52
CA TYR A 164 -23.78 -18.00 -4.81
C TYR A 164 -22.57 -17.41 -4.09
N TYR A 165 -21.56 -18.25 -3.90
CA TYR A 165 -20.29 -17.80 -3.37
C TYR A 165 -19.17 -18.45 -4.17
N ASP A 166 -18.12 -17.69 -4.40
CA ASP A 166 -16.92 -18.23 -5.01
C ASP A 166 -15.70 -18.07 -4.11
N MET A 167 -15.81 -17.35 -3.00
CA MET A 167 -14.68 -17.14 -2.11
C MET A 167 -15.20 -17.15 -0.68
N SER A 168 -14.28 -17.25 0.27
CA SER A 168 -14.58 -17.14 1.68
C SER A 168 -14.25 -15.73 2.17
N TYR A 169 -14.80 -15.38 3.32
CA TYR A 169 -14.41 -14.16 3.99
C TYR A 169 -13.97 -14.48 5.40
N SER A 170 -12.92 -13.81 5.86
CA SER A 170 -12.32 -14.00 7.18
C SER A 170 -12.09 -12.63 7.80
N VAL A 171 -12.58 -12.44 9.02
CA VAL A 171 -12.41 -11.14 9.68
C VAL A 171 -10.92 -10.80 9.80
N ALA A 172 -10.10 -11.77 10.17
CA ALA A 172 -8.67 -11.54 10.29
C ALA A 172 -8.10 -11.06 8.96
N TYR A 173 -7.61 -9.83 8.94
CA TYR A 173 -7.01 -9.22 7.75
C TYR A 173 -7.99 -9.15 6.56
N SER A 174 -9.29 -9.05 6.87
CA SER A 174 -10.37 -8.92 5.88
C SER A 174 -10.12 -9.75 4.63
N THR A 175 -9.83 -11.03 4.82
CA THR A 175 -9.40 -11.86 3.69
C THR A 175 -10.59 -12.34 2.87
N PHE A 176 -10.55 -12.08 1.56
CA PHE A 176 -11.40 -12.73 0.59
C PHE A 176 -10.49 -13.67 -0.19
N ALA A 177 -10.85 -14.95 -0.24
CA ALA A 177 -9.91 -15.92 -0.79
C ALA A 177 -10.68 -17.09 -1.36
N ASN A 178 -10.06 -17.75 -2.34
CA ASN A 178 -10.59 -18.96 -2.93
C ASN A 178 -10.92 -19.99 -1.86
N ILE A 179 -11.85 -20.90 -2.16
CA ILE A 179 -12.22 -21.98 -1.25
C ILE A 179 -11.20 -23.11 -1.36
N SER A 180 -11.00 -23.83 -0.24
CA SER A 180 -10.10 -24.99 -0.15
C SER A 180 -8.64 -24.62 -0.37
N THR A 209 15.25 -19.10 -14.38
CA THR A 209 14.55 -18.23 -13.44
C THR A 209 13.25 -17.72 -14.06
N ARG A 210 12.18 -17.67 -13.26
CA ARG A 210 10.89 -17.20 -13.72
C ARG A 210 10.83 -15.67 -13.58
N THR A 211 10.35 -15.01 -14.64
CA THR A 211 10.30 -13.56 -14.68
C THR A 211 8.88 -13.06 -14.48
N ALA A 212 8.75 -11.84 -13.98
CA ALA A 212 7.47 -11.21 -13.69
C ALA A 212 7.62 -9.70 -13.79
N THR A 213 6.61 -9.04 -14.36
CA THR A 213 6.69 -7.62 -14.63
C THR A 213 5.89 -6.83 -13.61
N LEU A 214 6.44 -5.68 -13.22
CA LEU A 214 5.85 -4.89 -12.17
C LEU A 214 5.65 -3.48 -12.69
N LEU A 215 4.47 -2.92 -12.44
CA LEU A 215 4.15 -1.55 -12.78
C LEU A 215 3.95 -0.77 -11.50
N ASP A 216 4.68 0.34 -11.36
CA ASP A 216 4.68 1.13 -10.14
C ASP A 216 3.93 2.44 -10.39
N LEU A 217 2.66 2.47 -9.99
CA LEU A 217 1.87 3.68 -10.10
C LEU A 217 2.16 4.60 -8.92
N TYR A 218 2.26 5.90 -9.21
CA TYR A 218 2.66 6.89 -8.20
C TYR A 218 4.00 6.49 -7.59
N SER A 219 4.97 6.19 -8.46
CA SER A 219 6.14 5.43 -8.09
C SER A 219 7.07 6.18 -7.13
N GLY A 220 6.99 7.50 -7.08
CA GLY A 220 7.95 8.19 -6.24
C GLY A 220 9.36 7.96 -6.74
N CYS A 221 10.31 7.98 -5.80
CA CYS A 221 11.69 7.66 -6.14
C CYS A 221 11.93 6.15 -6.22
N GLY A 222 10.93 5.33 -5.92
CA GLY A 222 11.02 3.91 -6.13
C GLY A 222 11.15 3.03 -4.89
N GLY A 223 10.82 3.55 -3.71
CA GLY A 223 11.00 2.76 -2.50
C GLY A 223 10.26 1.43 -2.55
N MET A 224 8.94 1.49 -2.82
CA MET A 224 8.13 0.29 -2.79
C MET A 224 8.52 -0.67 -3.92
N SER A 225 8.67 -0.17 -5.15
CA SER A 225 9.00 -1.08 -6.25
C SER A 225 10.38 -1.70 -6.08
N THR A 226 11.36 -0.96 -5.53
CA THR A 226 12.67 -1.55 -5.27
C THR A 226 12.58 -2.68 -4.26
N GLY A 227 11.98 -2.43 -3.10
CA GLY A 227 11.89 -3.47 -2.06
C GLY A 227 11.23 -4.74 -2.56
N LEU A 228 10.11 -4.59 -3.27
CA LEU A 228 9.37 -5.74 -3.83
C LEU A 228 10.28 -6.64 -4.65
N CYS A 229 11.05 -6.05 -5.57
CA CYS A 229 11.93 -6.87 -6.39
C CYS A 229 13.11 -7.46 -5.60
N LEU A 230 13.61 -6.75 -4.57
CA LEU A 230 14.67 -7.35 -3.76
C LEU A 230 14.13 -8.55 -2.99
N GLY A 231 12.94 -8.39 -2.38
CA GLY A 231 12.30 -9.50 -1.69
C GLY A 231 11.86 -10.61 -2.60
N ALA A 232 11.33 -10.26 -3.79
CA ALA A 232 11.01 -11.26 -4.79
C ALA A 232 12.24 -12.09 -5.14
N ALA A 233 13.34 -11.41 -5.47
CA ALA A 233 14.56 -12.09 -5.89
C ALA A 233 15.00 -13.08 -4.83
N LEU A 234 14.80 -12.72 -3.56
CA LEU A 234 15.16 -13.61 -2.46
C LEU A 234 14.33 -14.88 -2.47
N SER A 235 13.04 -14.77 -2.81
CA SER A 235 12.15 -15.92 -2.89
C SER A 235 12.36 -16.75 -4.16
N GLY A 236 13.18 -16.29 -5.10
CA GLY A 236 13.38 -17.01 -6.35
C GLY A 236 12.64 -16.46 -7.56
N LEU A 237 11.96 -15.31 -7.43
CA LEU A 237 11.22 -14.70 -8.54
C LEU A 237 11.94 -13.46 -9.05
N LYS A 238 12.16 -13.40 -10.37
CA LYS A 238 12.84 -12.25 -11.00
C LYS A 238 11.80 -11.20 -11.38
N LEU A 239 11.39 -10.41 -10.39
CA LEU A 239 10.40 -9.36 -10.60
C LEU A 239 11.10 -8.07 -11.03
N GLU A 240 10.64 -7.49 -12.15
CA GLU A 240 11.31 -6.35 -12.74
C GLU A 240 10.33 -5.18 -12.84
N THR A 241 10.75 -4.03 -12.36
CA THR A 241 9.93 -2.83 -12.48
C THR A 241 10.05 -2.32 -13.91
N ARG A 242 9.05 -2.64 -14.75
CA ARG A 242 9.13 -2.27 -16.16
C ARG A 242 8.63 -0.87 -16.43
N TRP A 243 7.65 -0.43 -15.67
CA TRP A 243 7.00 0.85 -15.92
C TRP A 243 6.87 1.54 -14.58
N ALA A 244 7.05 2.86 -14.59
CA ALA A 244 6.85 3.67 -13.40
C ALA A 244 6.19 4.97 -13.85
N VAL A 245 5.16 5.41 -13.13
CA VAL A 245 4.48 6.65 -13.45
C VAL A 245 4.49 7.56 -12.23
N ASP A 246 4.99 8.79 -12.43
CA ASP A 246 5.00 9.79 -11.38
C ASP A 246 5.13 11.14 -12.06
N PHE A 247 4.30 12.09 -11.66
CA PHE A 247 4.34 13.39 -12.31
C PHE A 247 5.35 14.35 -11.70
N ASN A 248 6.15 13.89 -10.74
CA ASN A 248 7.24 14.68 -10.19
C ASN A 248 8.53 14.24 -10.89
N SER A 249 9.16 15.18 -11.61
CA SER A 249 10.27 14.82 -12.47
C SER A 249 11.49 14.41 -11.66
N PHE A 250 11.70 15.03 -10.50
CA PHE A 250 12.84 14.69 -9.66
C PHE A 250 12.72 13.29 -9.08
N ALA A 251 11.50 12.85 -8.77
CA ALA A 251 11.31 11.45 -8.38
C ALA A 251 11.64 10.52 -9.54
N CYS A 252 11.18 10.85 -10.75
CA CYS A 252 11.51 9.97 -11.88
C CYS A 252 13.00 9.96 -12.16
N GLN A 253 13.68 11.09 -11.95
CA GLN A 253 15.12 11.15 -12.13
C GLN A 253 15.83 10.22 -11.16
N SER A 254 15.31 10.10 -9.94
CA SER A 254 15.91 9.21 -8.96
C SER A 254 15.67 7.75 -9.32
N LEU A 255 14.42 7.41 -9.65
CA LEU A 255 14.08 6.03 -9.98
C LEU A 255 14.75 5.58 -11.27
N LYS A 256 14.79 6.45 -12.28
CA LYS A 256 15.42 6.08 -13.54
C LYS A 256 16.92 5.85 -13.34
N TYR A 257 17.57 6.68 -12.53
CA TYR A 257 19.00 6.52 -12.30
C TYR A 257 19.32 5.17 -11.66
N ASN A 258 18.56 4.79 -10.63
CA ASN A 258 18.78 3.52 -9.95
C ASN A 258 18.22 2.32 -10.72
N HIS A 259 17.38 2.54 -11.73
CA HIS A 259 16.78 1.46 -12.51
C HIS A 259 16.78 1.88 -13.97
N PRO A 260 17.91 1.73 -14.66
CA PRO A 260 18.00 2.24 -16.04
C PRO A 260 17.04 1.57 -17.01
N GLN A 261 16.73 0.29 -16.81
CA GLN A 261 15.84 -0.41 -17.73
C GLN A 261 14.37 -0.02 -17.52
N THR A 262 14.03 0.48 -16.33
CA THR A 262 12.65 0.85 -16.07
C THR A 262 12.21 1.98 -16.99
N GLU A 263 11.10 1.78 -17.69
CA GLU A 263 10.47 2.82 -18.50
C GLU A 263 9.67 3.69 -17.54
N VAL A 264 10.26 4.79 -17.09
CA VAL A 264 9.65 5.67 -16.11
C VAL A 264 9.09 6.89 -16.83
N ARG A 265 7.78 7.12 -16.69
CA ARG A 265 7.08 8.18 -17.39
C ARG A 265 6.73 9.29 -16.41
N ASN A 266 7.16 10.51 -16.74
CA ASN A 266 6.92 11.69 -15.92
C ASN A 266 5.60 12.33 -16.33
N GLU A 267 4.49 11.85 -15.76
CA GLU A 267 3.16 12.24 -16.20
C GLU A 267 2.13 11.81 -15.17
N LYS A 268 0.96 12.47 -15.22
CA LYS A 268 -0.11 12.09 -14.30
C LYS A 268 -0.58 10.67 -14.58
N ALA A 269 -1.16 10.04 -13.56
CA ALA A 269 -1.61 8.65 -13.72
C ALA A 269 -2.81 8.55 -14.65
N ASP A 270 -3.71 9.53 -14.60
CA ASP A 270 -4.90 9.46 -15.47
C ASP A 270 -4.52 9.64 -16.93
N GLU A 271 -3.50 10.46 -17.21
CA GLU A 271 -3.01 10.57 -18.58
C GLU A 271 -2.33 9.29 -19.02
N PHE A 272 -1.58 8.66 -18.11
CA PHE A 272 -1.02 7.35 -18.40
C PHE A 272 -2.13 6.37 -18.78
N LEU A 273 -3.24 6.41 -18.05
CA LEU A 273 -4.36 5.51 -18.34
C LEU A 273 -4.94 5.77 -19.72
N ALA A 274 -5.26 7.04 -20.02
CA ALA A 274 -5.76 7.37 -21.35
C ALA A 274 -4.78 6.93 -22.43
N LEU A 275 -3.47 7.09 -22.17
CA LEU A 275 -2.48 6.66 -23.16
C LEU A 275 -2.51 5.16 -23.36
N LEU A 276 -2.66 4.38 -22.28
CA LEU A 276 -2.70 2.93 -22.41
C LEU A 276 -3.83 2.49 -23.33
N LYS A 277 -5.03 3.04 -23.12
CA LYS A 277 -6.18 2.73 -23.98
C LYS A 277 -5.89 3.07 -25.43
N GLU A 278 -5.36 4.27 -25.69
CA GLU A 278 -5.06 4.66 -27.07
C GLU A 278 -3.90 3.84 -27.62
N TRP A 279 -3.00 3.37 -26.76
CA TRP A 279 -1.89 2.54 -27.21
C TRP A 279 -2.40 1.20 -27.77
N ALA A 280 -3.38 0.59 -27.11
CA ALA A 280 -3.96 -0.66 -27.61
C ALA A 280 -4.55 -0.49 -29.00
N VAL A 281 -5.21 0.65 -29.26
CA VAL A 281 -5.78 0.87 -30.59
C VAL A 281 -4.68 1.01 -31.63
N LEU A 282 -3.61 1.73 -31.29
CA LEU A 282 -2.49 1.87 -32.22
C LEU A 282 -1.81 0.53 -32.48
N CYS A 283 -1.57 -0.25 -31.41
CA CYS A 283 -1.00 -1.58 -31.59
C CYS A 283 -1.86 -2.43 -32.52
N LYS A 284 -3.18 -2.40 -32.31
CA LYS A 284 -4.10 -3.13 -33.18
C LYS A 284 -3.93 -2.70 -34.62
N LYS A 285 -3.75 -1.40 -34.86
CA LYS A 285 -3.65 -0.91 -36.22
C LYS A 285 -2.34 -1.36 -36.87
N TYR A 286 -1.21 -1.13 -36.21
CA TYR A 286 0.10 -1.52 -36.75
C TYR A 286 0.64 -2.73 -36.00
N VAL A 287 0.90 -3.81 -36.73
CA VAL A 287 1.61 -4.98 -36.21
C VAL A 287 1.82 -5.95 -37.37
N GLN A 288 2.87 -6.76 -37.30
CA GLN A 288 3.13 -7.78 -38.31
C GLN A 288 3.68 -9.06 -37.70
N GLN A 300 15.54 3.38 -54.43
CA GLN A 300 15.33 3.01 -53.04
C GLN A 300 15.27 4.25 -52.13
N ALA A 301 16.37 5.00 -52.08
CA ALA A 301 16.47 6.14 -51.18
C ALA A 301 15.42 7.20 -51.49
N ASP A 302 14.80 7.73 -50.43
CA ASP A 302 13.67 8.65 -50.57
C ASP A 302 14.07 9.89 -51.37
N GLU A 303 13.17 10.31 -52.26
CA GLU A 303 13.34 11.55 -53.01
C GLU A 303 12.76 12.72 -52.24
N ASP A 304 13.32 13.91 -52.47
CA ASP A 304 12.83 15.10 -51.78
C ASP A 304 11.39 15.42 -52.17
N SER A 305 10.72 16.14 -51.27
CA SER A 305 9.36 16.60 -51.44
C SER A 305 9.31 18.07 -51.11
N PRO A 306 8.41 18.84 -51.73
CA PRO A 306 8.19 20.20 -51.27
C PRO A 306 7.55 20.21 -49.89
N LEU A 307 7.86 21.26 -49.13
CA LEU A 307 7.33 21.43 -47.79
C LEU A 307 6.57 22.74 -47.74
N ASP A 308 5.39 22.70 -47.13
CA ASP A 308 4.61 23.91 -46.88
C ASP A 308 5.27 24.69 -45.74
N LYS A 309 4.62 25.76 -45.30
CA LYS A 309 5.24 26.73 -44.39
C LYS A 309 5.85 26.06 -43.17
N ASP A 310 5.13 25.12 -42.55
CA ASP A 310 5.61 24.50 -41.32
C ASP A 310 5.69 22.99 -41.48
N GLU A 311 6.12 22.53 -42.65
CA GLU A 311 6.26 21.12 -42.96
C GLU A 311 7.74 20.75 -42.97
N PHE A 312 8.11 19.69 -42.25
CA PHE A 312 9.50 19.27 -42.16
C PHE A 312 9.61 17.75 -42.20
N VAL A 313 10.68 17.27 -42.83
CA VAL A 313 10.93 15.84 -42.91
C VAL A 313 11.28 15.31 -41.53
N VAL A 314 10.63 14.23 -41.14
CA VAL A 314 10.89 13.59 -39.85
C VAL A 314 12.01 12.58 -40.00
N GLU A 315 12.76 12.38 -38.92
CA GLU A 315 13.76 11.32 -38.83
C GLU A 315 13.19 10.07 -38.17
N LYS A 316 12.77 10.20 -36.91
CA LYS A 316 12.16 9.09 -36.19
C LYS A 316 11.22 9.65 -35.14
N LEU A 317 10.36 8.79 -34.61
CA LEU A 317 9.54 9.16 -33.46
C LEU A 317 10.21 8.59 -32.21
N VAL A 318 10.39 9.43 -31.19
CA VAL A 318 11.16 9.07 -30.01
C VAL A 318 10.35 9.19 -28.73
N GLY A 319 9.05 9.40 -28.84
CA GLY A 319 8.21 9.47 -27.64
C GLY A 319 6.74 9.49 -27.98
N ILE A 320 5.95 9.22 -26.95
CA ILE A 320 4.49 9.23 -27.09
C ILE A 320 3.88 9.61 -25.75
N CYS A 321 2.82 10.41 -25.80
CA CYS A 321 2.15 10.86 -24.59
C CYS A 321 0.70 11.17 -24.91
N TYR A 322 -0.10 11.33 -23.86
CA TYR A 322 -1.50 11.72 -23.96
C TYR A 322 -1.68 12.98 -23.15
N GLY A 323 -2.13 14.06 -23.79
CA GLY A 323 -2.20 15.33 -23.09
C GLY A 323 -0.86 15.74 -22.51
N GLY A 324 -0.89 16.22 -21.27
CA GLY A 324 0.29 16.68 -20.59
C GLY A 324 0.13 18.10 -20.12
N SER A 325 1.26 18.71 -19.73
CA SER A 325 1.25 19.96 -19.01
C SER A 325 0.52 21.05 -19.79
N ASP A 326 1.04 21.41 -20.96
CA ASP A 326 0.50 22.49 -21.76
C ASP A 326 -0.42 22.02 -22.89
N ARG A 327 -0.61 20.72 -23.05
CA ARG A 327 -1.37 20.16 -24.15
C ARG A 327 -2.77 19.73 -23.69
N GLU A 328 -3.66 19.53 -24.66
CA GLU A 328 -4.97 18.99 -24.37
C GLU A 328 -5.07 17.55 -24.87
N ASN A 329 -6.15 16.89 -24.46
CA ASN A 329 -6.23 15.44 -24.58
C ASN A 329 -6.05 15.02 -26.03
N GLY A 330 -5.46 13.83 -26.20
CA GLY A 330 -5.14 13.32 -27.51
C GLY A 330 -3.71 12.84 -27.59
N ILE A 331 -3.38 12.03 -28.59
CA ILE A 331 -2.05 11.45 -28.68
C ILE A 331 -1.10 12.46 -29.28
N TYR A 332 0.04 12.64 -28.61
CA TYR A 332 1.17 13.40 -29.14
C TYR A 332 2.37 12.48 -29.26
N PHE A 333 3.17 12.72 -30.29
CA PHE A 333 4.43 12.02 -30.49
C PHE A 333 5.58 13.00 -30.39
N LYS A 334 6.68 12.56 -29.78
CA LYS A 334 7.90 13.35 -29.75
C LYS A 334 8.61 13.13 -31.07
N VAL A 335 8.59 14.12 -31.94
CA VAL A 335 9.15 13.98 -33.28
C VAL A 335 10.58 14.49 -33.30
N GLN A 336 11.46 13.70 -33.88
CA GLN A 336 12.83 14.09 -34.14
C GLN A 336 12.92 14.50 -35.61
N TRP A 337 13.24 15.77 -35.86
CA TRP A 337 13.26 16.30 -37.20
C TRP A 337 14.59 16.00 -37.88
N GLU A 338 14.51 15.60 -39.14
CA GLU A 338 15.69 15.32 -39.94
C GLU A 338 16.57 16.57 -40.01
N GLY A 339 17.86 16.39 -39.80
CA GLY A 339 18.79 17.51 -39.85
C GLY A 339 18.84 18.36 -38.61
N TYR A 340 18.07 18.02 -37.58
CA TYR A 340 17.99 18.79 -36.35
C TYR A 340 18.38 17.92 -35.16
N GLY A 341 19.05 18.52 -34.20
CA GLY A 341 19.48 17.82 -33.02
C GLY A 341 18.33 17.52 -32.09
N PRO A 342 18.58 16.60 -31.13
CA PRO A 342 17.55 16.29 -30.14
C PRO A 342 16.97 17.51 -29.43
N GLU A 343 17.76 18.57 -29.26
CA GLU A 343 17.26 19.76 -28.59
C GLU A 343 16.12 20.40 -29.37
N GLU A 344 16.05 20.15 -30.68
CA GLU A 344 15.00 20.66 -31.55
C GLU A 344 13.82 19.71 -31.69
N ASP A 345 13.84 18.56 -31.00
CA ASP A 345 12.67 17.70 -30.96
C ASP A 345 11.50 18.46 -30.37
N THR A 346 10.29 18.06 -30.75
CA THR A 346 9.10 18.72 -30.25
C THR A 346 7.96 17.72 -30.14
N TRP A 347 6.98 18.06 -29.32
CA TRP A 347 5.78 17.25 -29.19
C TRP A 347 4.75 17.71 -30.21
N GLU A 348 4.22 16.76 -30.97
CA GLU A 348 3.28 17.10 -32.02
C GLU A 348 2.03 16.23 -31.90
N PRO A 349 0.84 16.82 -32.09
CA PRO A 349 -0.38 16.02 -32.03
C PRO A 349 -0.46 15.09 -33.24
N ILE A 350 -1.02 13.89 -33.01
CA ILE A 350 -1.00 12.85 -34.02
C ILE A 350 -1.63 13.33 -35.32
N ASP A 351 -2.59 14.26 -35.25
CA ASP A 351 -3.20 14.77 -36.46
C ASP A 351 -2.21 15.57 -37.32
N ASN A 352 -1.14 16.07 -36.72
CA ASN A 352 -0.07 16.71 -37.48
C ASN A 352 0.89 15.70 -38.11
N LEU A 353 0.69 14.40 -37.90
CA LEU A 353 1.59 13.37 -38.38
C LEU A 353 0.98 12.46 -39.44
N SER A 354 -0.17 12.83 -40.01
CA SER A 354 -0.78 11.98 -41.02
C SER A 354 0.12 11.83 -42.24
N ASP A 355 1.04 12.77 -42.46
CA ASP A 355 1.95 12.68 -43.59
C ASP A 355 3.21 11.87 -43.31
N CYS A 356 3.36 11.31 -42.11
CA CYS A 356 4.43 10.36 -41.83
C CYS A 356 3.84 9.10 -41.19
N PRO A 357 3.11 8.28 -41.99
CA PRO A 357 2.49 7.07 -41.41
C PRO A 357 3.47 5.96 -41.08
N GLN A 358 4.54 5.78 -41.89
CA GLN A 358 5.50 4.71 -41.61
C GLN A 358 6.30 4.99 -40.35
N LYS A 359 6.56 6.25 -40.04
CA LYS A 359 7.26 6.57 -38.80
C LYS A 359 6.42 6.19 -37.59
N ILE A 360 5.09 6.34 -37.70
CA ILE A 360 4.20 5.87 -36.63
C ILE A 360 4.20 4.36 -36.57
N ARG A 361 4.01 3.70 -37.72
CA ARG A 361 4.04 2.24 -37.76
C ARG A 361 5.35 1.71 -37.17
N GLU A 362 6.48 2.30 -37.56
CA GLU A 362 7.77 1.89 -37.02
C GLU A 362 7.81 2.06 -35.51
N PHE A 363 7.34 3.21 -35.02
CA PHE A 363 7.42 3.46 -33.58
C PHE A 363 6.56 2.47 -32.80
N VAL A 364 5.35 2.19 -33.29
CA VAL A 364 4.44 1.31 -32.56
C VAL A 364 4.88 -0.15 -32.68
N GLN A 365 5.19 -0.59 -33.90
CA GLN A 365 5.73 -1.94 -34.07
C GLN A 365 6.92 -2.18 -33.16
N GLU A 366 7.76 -1.17 -33.01
CA GLU A 366 9.04 -1.25 -32.32
C GLU A 366 8.81 -1.16 -30.82
N GLY A 367 7.95 -0.23 -30.39
CA GLY A 367 7.63 -0.12 -28.98
C GLY A 367 6.78 -1.25 -28.46
N HIS A 368 5.94 -1.83 -29.31
CA HIS A 368 5.17 -2.98 -28.89
C HIS A 368 6.08 -4.20 -28.68
N LYS A 369 7.18 -4.28 -29.43
CA LYS A 369 8.08 -5.41 -29.26
C LYS A 369 8.81 -5.33 -27.92
N ARG A 370 9.37 -4.16 -27.59
CA ARG A 370 9.95 -3.98 -26.26
C ARG A 370 8.93 -3.67 -25.17
N LYS A 371 7.64 -3.60 -25.48
CA LYS A 371 6.61 -3.32 -24.47
C LYS A 371 6.93 -2.03 -23.73
N ILE A 372 7.18 -0.96 -24.50
CA ILE A 372 7.43 0.34 -23.89
C ILE A 372 6.25 0.78 -23.05
N LEU A 373 5.04 0.32 -23.40
CA LEU A 373 3.83 0.55 -22.65
C LEU A 373 3.11 -0.78 -22.57
N PRO A 374 2.52 -1.11 -21.42
CA PRO A 374 1.87 -2.42 -21.25
C PRO A 374 0.49 -2.46 -21.88
N LEU A 375 0.22 -3.53 -22.59
CA LEU A 375 -1.14 -3.91 -22.94
C LEU A 375 -1.72 -4.76 -21.82
N PRO A 376 -3.06 -4.87 -21.75
CA PRO A 376 -3.66 -5.73 -20.71
C PRO A 376 -3.12 -7.15 -20.80
N GLY A 377 -2.56 -7.63 -19.70
CA GLY A 377 -1.93 -8.93 -19.63
C GLY A 377 -0.41 -8.88 -19.55
N ASP A 378 0.19 -7.79 -20.03
CA ASP A 378 1.63 -7.63 -19.94
C ASP A 378 2.09 -7.38 -18.51
N VAL A 379 1.20 -6.90 -17.64
CA VAL A 379 1.53 -6.48 -16.29
C VAL A 379 1.21 -7.61 -15.31
N ASP A 380 2.24 -8.16 -14.67
CA ASP A 380 2.03 -9.18 -13.66
C ASP A 380 1.67 -8.59 -12.30
N VAL A 381 2.37 -7.54 -11.86
CA VAL A 381 2.07 -6.89 -10.58
C VAL A 381 1.83 -5.40 -10.81
N ILE A 382 0.92 -4.83 -10.03
CA ILE A 382 0.75 -3.39 -9.93
C ILE A 382 0.87 -3.04 -8.46
N CYS A 383 1.91 -2.29 -8.11
CA CYS A 383 2.00 -1.69 -6.81
C CYS A 383 1.83 -0.19 -6.95
N GLY A 384 1.51 0.45 -5.83
CA GLY A 384 1.42 1.89 -5.81
C GLY A 384 1.09 2.44 -4.44
N GLY A 385 1.66 3.59 -4.10
CA GLY A 385 1.30 4.29 -2.90
C GLY A 385 0.75 5.66 -3.24
N PRO A 386 -0.54 5.73 -3.60
CA PRO A 386 -1.14 7.01 -4.02
C PRO A 386 -1.05 8.04 -2.91
N PRO A 387 -1.15 9.32 -3.25
CA PRO A 387 -0.98 10.38 -2.25
C PRO A 387 -1.76 10.11 -0.97
N CYS A 388 -1.14 10.44 0.16
CA CYS A 388 -1.75 10.36 1.47
C CYS A 388 -2.07 11.73 2.04
N GLN A 389 -1.68 12.77 1.31
CA GLN A 389 -1.71 14.12 1.88
C GLN A 389 -3.12 14.60 2.12
N GLY A 390 -4.07 14.17 1.29
CA GLY A 390 -5.46 14.48 1.56
C GLY A 390 -6.10 13.62 2.63
N ILE A 391 -5.39 12.59 3.10
CA ILE A 391 -5.95 11.67 4.08
C ILE A 391 -5.34 11.85 5.46
N SER A 392 -4.04 12.15 5.55
CA SER A 392 -3.30 12.02 6.79
C SER A 392 -3.70 13.08 7.81
N GLY A 393 -3.74 12.67 9.07
CA GLY A 393 -4.10 13.53 10.18
C GLY A 393 -3.20 14.75 10.34
N PHE A 394 -2.08 14.81 9.64
CA PHE A 394 -1.27 16.03 9.62
C PHE A 394 -2.00 17.19 8.98
N ASN A 395 -2.88 16.90 8.02
CA ASN A 395 -3.55 17.91 7.19
C ASN A 395 -4.77 18.46 7.93
N ARG A 396 -4.63 19.64 8.51
CA ARG A 396 -5.73 20.25 9.26
C ARG A 396 -6.82 20.83 8.35
N TYR A 397 -6.77 20.57 7.03
CA TYR A 397 -7.73 21.14 6.10
C TYR A 397 -8.47 20.08 5.31
N ARG A 398 -8.43 18.84 5.76
CA ARG A 398 -9.24 17.79 5.15
C ARG A 398 -10.71 18.06 5.38
N ASN A 399 -11.54 17.55 4.46
CA ASN A 399 -12.99 17.67 4.53
C ASN A 399 -13.58 16.27 4.61
N ARG A 400 -14.02 15.88 5.82
CA ARG A 400 -14.51 14.51 6.02
C ARG A 400 -15.86 14.26 5.38
N ASP A 401 -16.58 15.30 4.96
CA ASP A 401 -17.88 15.09 4.33
C ASP A 401 -17.78 14.78 2.85
N GLU A 402 -16.70 15.20 2.19
CA GLU A 402 -16.46 14.90 0.77
C GLU A 402 -15.06 14.35 0.63
N PRO A 403 -14.84 13.09 1.02
CA PRO A 403 -13.48 12.53 1.03
C PRO A 403 -12.84 12.39 -0.34
N LEU A 404 -13.61 12.51 -1.42
CA LEU A 404 -13.07 12.43 -2.77
C LEU A 404 -12.95 13.81 -3.41
N LYS A 405 -13.18 14.88 -2.66
CA LYS A 405 -13.08 16.20 -3.26
C LYS A 405 -11.63 16.54 -3.57
N ASP A 406 -10.72 16.18 -2.67
CA ASP A 406 -9.30 16.39 -2.87
C ASP A 406 -8.82 15.55 -4.05
N GLU A 407 -8.22 16.22 -5.04
CA GLU A 407 -7.63 15.53 -6.17
C GLU A 407 -6.61 14.49 -5.74
N LYS A 408 -5.95 14.71 -4.60
CA LYS A 408 -5.03 13.70 -4.09
C LYS A 408 -5.77 12.42 -3.73
N ASN A 409 -6.92 12.55 -3.07
CA ASN A 409 -7.73 11.39 -2.70
C ASN A 409 -8.32 10.71 -3.92
N LYS A 410 -8.62 11.46 -4.98
CA LYS A 410 -9.16 10.84 -6.19
C LYS A 410 -8.16 9.90 -6.86
N GLN A 411 -6.87 10.03 -6.58
CA GLN A 411 -5.89 9.17 -7.23
C GLN A 411 -6.04 7.71 -6.78
N MET A 412 -6.68 7.47 -5.63
N MET A 412 -6.66 7.50 -5.62
CA MET A 412 -6.98 6.09 -5.27
CA MET A 412 -7.04 6.16 -5.20
C MET A 412 -7.99 5.48 -6.24
C MET A 412 -7.97 5.52 -6.23
N VAL A 413 -8.98 6.26 -6.68
CA VAL A 413 -9.88 5.76 -7.70
C VAL A 413 -9.13 5.50 -9.00
N THR A 414 -8.28 6.44 -9.41
CA THR A 414 -7.50 6.27 -10.62
C THR A 414 -6.56 5.08 -10.53
N PHE A 415 -6.04 4.79 -9.33
CA PHE A 415 -5.25 3.56 -9.18
C PHE A 415 -6.08 2.36 -9.58
N MET A 416 -7.31 2.27 -9.06
CA MET A 416 -8.10 1.07 -9.33
C MET A 416 -8.65 1.07 -10.75
N ASP A 417 -8.84 2.25 -11.34
CA ASP A 417 -9.16 2.30 -12.76
C ASP A 417 -8.05 1.67 -13.61
N ILE A 418 -6.79 1.87 -13.21
CA ILE A 418 -5.67 1.29 -13.94
C ILE A 418 -5.58 -0.21 -13.67
N VAL A 419 -5.79 -0.62 -12.42
CA VAL A 419 -5.93 -2.03 -12.11
C VAL A 419 -7.02 -2.66 -12.96
N ALA A 420 -8.17 -1.99 -13.06
CA ALA A 420 -9.31 -2.55 -13.79
C ALA A 420 -9.01 -2.73 -15.27
N TYR A 421 -8.15 -1.88 -15.84
CA TYR A 421 -7.91 -1.95 -17.27
C TYR A 421 -6.82 -2.95 -17.63
N LEU A 422 -5.83 -3.13 -16.77
CA LEU A 422 -4.71 -4.04 -17.03
C LEU A 422 -4.90 -5.43 -16.44
N LYS A 423 -5.76 -5.56 -15.43
CA LYS A 423 -6.00 -6.82 -14.74
C LYS A 423 -4.69 -7.54 -14.39
N PRO A 424 -3.80 -6.91 -13.64
CA PRO A 424 -2.60 -7.60 -13.18
C PRO A 424 -2.96 -8.83 -12.37
N LYS A 425 -1.99 -9.76 -12.26
CA LYS A 425 -2.19 -10.95 -11.43
C LYS A 425 -2.25 -10.58 -9.95
N TYR A 426 -1.36 -9.69 -9.51
CA TYR A 426 -1.29 -9.25 -8.12
C TYR A 426 -1.37 -7.74 -8.07
N VAL A 427 -2.08 -7.22 -7.06
CA VAL A 427 -2.19 -5.79 -6.76
C VAL A 427 -1.69 -5.56 -5.34
N LEU A 428 -0.77 -4.61 -5.17
CA LEU A 428 -0.32 -4.18 -3.85
C LEU A 428 -0.46 -2.68 -3.74
N MET A 429 -1.26 -2.22 -2.78
CA MET A 429 -1.54 -0.81 -2.61
C MET A 429 -1.27 -0.41 -1.17
N GLU A 430 -0.51 0.66 -1.00
CA GLU A 430 -0.10 1.14 0.30
C GLU A 430 -0.68 2.53 0.51
N ASN A 431 -1.02 2.83 1.75
CA ASN A 431 -1.31 4.20 2.17
C ASN A 431 -1.24 4.23 3.69
N VAL A 432 -1.65 5.35 4.27
CA VAL A 432 -1.49 5.59 5.69
C VAL A 432 -2.67 5.04 6.48
N VAL A 433 -2.51 4.95 7.80
CA VAL A 433 -3.53 4.32 8.63
C VAL A 433 -4.79 5.18 8.69
N ASP A 434 -4.66 6.50 8.53
CA ASP A 434 -5.82 7.37 8.48
C ASP A 434 -6.76 7.03 7.33
N ILE A 435 -6.30 6.26 6.35
CA ILE A 435 -7.18 5.81 5.28
C ILE A 435 -8.28 4.91 5.80
N LEU A 436 -8.11 4.35 6.99
CA LEU A 436 -9.13 3.57 7.66
C LEU A 436 -9.84 4.36 8.76
N LYS A 437 -9.49 5.63 8.93
CA LYS A 437 -10.08 6.47 9.96
C LYS A 437 -10.73 7.71 9.39
N PHE A 438 -10.02 8.46 8.54
CA PHE A 438 -10.58 9.65 7.92
C PHE A 438 -11.87 9.28 7.18
N ALA A 439 -12.90 10.13 7.37
CA ALA A 439 -14.25 9.89 6.84
C ALA A 439 -14.69 8.44 7.08
N ASP A 440 -14.43 7.95 8.28
CA ASP A 440 -14.79 6.60 8.69
C ASP A 440 -14.23 5.56 7.72
N GLY A 441 -13.03 5.83 7.20
CA GLY A 441 -12.36 4.88 6.34
C GLY A 441 -12.91 4.81 4.93
N TYR A 442 -13.67 5.82 4.51
CA TYR A 442 -14.32 5.80 3.20
C TYR A 442 -13.36 5.36 2.10
N LEU A 443 -12.15 5.93 2.08
CA LEU A 443 -11.23 5.67 0.98
C LEU A 443 -10.54 4.33 1.16
N GLY A 444 -10.34 3.89 2.39
CA GLY A 444 -9.80 2.56 2.61
C GLY A 444 -10.73 1.48 2.09
N LYS A 445 -12.02 1.57 2.49
CA LYS A 445 -13.04 0.62 2.07
C LYS A 445 -13.35 0.75 0.58
N TYR A 446 -13.23 1.95 0.03
CA TYR A 446 -13.38 2.10 -1.42
C TYR A 446 -12.37 1.23 -2.15
N ALA A 447 -11.15 1.18 -1.65
CA ALA A 447 -10.08 0.44 -2.33
C ALA A 447 -10.34 -1.07 -2.24
N LEU A 448 -10.69 -1.55 -1.05
CA LEU A 448 -10.99 -2.97 -0.90
C LEU A 448 -12.22 -3.37 -1.71
N SER A 449 -13.24 -2.51 -1.72
CA SER A 449 -14.48 -2.82 -2.44
C SER A 449 -14.24 -2.87 -3.96
N CYS A 450 -13.30 -2.08 -4.47
CA CYS A 450 -12.97 -2.14 -5.89
C CYS A 450 -12.33 -3.47 -6.26
N LEU A 451 -11.47 -4.00 -5.39
CA LEU A 451 -10.75 -5.24 -5.71
C LEU A 451 -11.70 -6.42 -5.75
N VAL A 452 -12.58 -6.53 -4.76
CA VAL A 452 -13.50 -7.67 -4.70
C VAL A 452 -14.64 -7.54 -5.70
N ALA A 453 -15.08 -6.32 -6.01
CA ALA A 453 -16.07 -6.18 -7.08
C ALA A 453 -15.48 -6.62 -8.42
N MET A 454 -14.17 -6.56 -8.56
CA MET A 454 -13.50 -7.10 -9.74
C MET A 454 -13.14 -8.59 -9.57
N LYS A 455 -13.63 -9.22 -8.50
CA LYS A 455 -13.45 -10.65 -8.26
C LYS A 455 -11.98 -10.99 -7.97
N TYR A 456 -11.23 -10.03 -7.44
CA TYR A 456 -9.90 -10.30 -6.93
C TYR A 456 -9.99 -10.93 -5.54
N GLN A 457 -9.11 -11.88 -5.25
CA GLN A 457 -8.84 -12.21 -3.86
C GLN A 457 -8.18 -11.01 -3.21
N ALA A 458 -8.54 -10.72 -1.97
CA ALA A 458 -8.01 -9.53 -1.34
C ALA A 458 -7.79 -9.79 0.14
N ARG A 459 -6.88 -8.99 0.69
CA ARG A 459 -6.52 -9.04 2.11
C ARG A 459 -6.11 -7.64 2.51
N LEU A 460 -6.26 -7.33 3.80
CA LEU A 460 -5.95 -6.02 4.35
C LEU A 460 -5.04 -6.19 5.55
N GLY A 461 -3.93 -5.46 5.59
CA GLY A 461 -3.02 -5.54 6.72
C GLY A 461 -2.42 -4.19 7.07
N MET A 462 -2.03 -4.07 8.34
CA MET A 462 -1.31 -2.91 8.86
C MET A 462 0.07 -3.36 9.33
N MET A 463 1.12 -2.76 8.75
CA MET A 463 2.49 -3.17 9.04
C MET A 463 3.28 -2.00 9.60
N VAL A 464 4.07 -2.30 10.64
CA VAL A 464 4.91 -1.33 11.34
C VAL A 464 6.31 -1.40 10.79
N ALA A 465 6.83 -0.26 10.33
CA ALA A 465 8.11 -0.28 9.61
C ALA A 465 9.23 -0.76 10.50
N GLY A 466 9.31 -0.25 11.73
CA GLY A 466 10.39 -0.66 12.63
C GLY A 466 10.46 -2.16 12.85
N CYS A 467 9.32 -2.83 12.77
CA CYS A 467 9.23 -4.27 12.96
C CYS A 467 10.08 -5.06 11.98
N TYR A 468 10.66 -4.40 10.97
CA TYR A 468 11.46 -5.09 9.96
C TYR A 468 12.89 -4.55 9.92
N GLY A 469 13.31 -3.84 10.96
CA GLY A 469 14.67 -3.38 11.08
C GLY A 469 14.87 -1.90 10.81
N LEU A 470 14.10 -1.04 11.48
CA LEU A 470 14.22 0.40 11.30
C LEU A 470 13.95 1.09 12.63
N PRO A 471 14.63 2.21 12.89
CA PRO A 471 14.32 2.98 14.10
C PRO A 471 13.14 3.90 13.88
N GLN A 472 12.17 3.42 13.12
CA GLN A 472 10.92 4.11 12.87
C GLN A 472 9.79 3.34 13.51
N PHE A 473 8.65 4.01 13.67
CA PHE A 473 7.42 3.26 13.87
C PHE A 473 6.76 3.09 12.51
N ARG A 474 6.06 4.13 12.06
CA ARG A 474 5.49 4.22 10.72
C ARG A 474 4.62 2.99 10.39
N MET A 475 3.45 2.97 11.02
CA MET A 475 2.47 1.96 10.66
C MET A 475 1.80 2.36 9.35
N ARG A 476 1.74 1.42 8.41
CA ARG A 476 1.15 1.68 7.11
C ARG A 476 0.14 0.59 6.78
N VAL A 477 -0.81 0.94 5.90
CA VAL A 477 -1.86 0.03 5.45
C VAL A 477 -1.44 -0.57 4.12
N PHE A 478 -1.52 -1.89 4.00
CA PHE A 478 -1.14 -2.59 2.78
C PHE A 478 -2.29 -3.49 2.35
N LEU A 479 -2.74 -3.29 1.11
CA LEU A 479 -3.87 -4.00 0.55
C LEU A 479 -3.32 -4.92 -0.52
N TRP A 480 -3.50 -6.23 -0.30
CA TRP A 480 -3.16 -7.27 -1.26
C TRP A 480 -4.36 -7.55 -2.15
N GLY A 481 -4.12 -7.64 -3.45
CA GLY A 481 -5.10 -8.21 -4.36
C GLY A 481 -4.44 -9.27 -5.22
N ALA A 482 -5.22 -10.29 -5.58
CA ALA A 482 -4.68 -11.39 -6.37
C ALA A 482 -5.82 -12.03 -7.17
N LEU A 483 -5.57 -12.28 -8.45
CA LEU A 483 -6.56 -12.94 -9.30
C LEU A 483 -6.93 -14.30 -8.73
N SER A 484 -8.09 -14.81 -9.16
CA SER A 484 -8.55 -16.11 -8.71
C SER A 484 -7.65 -17.24 -9.20
N SER A 485 -6.81 -16.97 -10.19
CA SER A 485 -5.84 -17.95 -10.68
C SER A 485 -4.54 -17.96 -9.89
N MET A 486 -4.37 -17.07 -8.92
CA MET A 486 -3.12 -16.95 -8.18
C MET A 486 -3.35 -17.25 -6.72
N VAL A 487 -2.26 -17.44 -5.99
CA VAL A 487 -2.33 -17.60 -4.54
C VAL A 487 -2.26 -16.22 -3.89
N LEU A 488 -3.25 -15.89 -3.08
CA LEU A 488 -3.22 -14.66 -2.32
C LEU A 488 -1.98 -14.64 -1.43
N PRO A 489 -1.13 -13.62 -1.52
CA PRO A 489 0.06 -13.58 -0.68
C PRO A 489 -0.28 -13.24 0.76
N LYS A 490 0.63 -13.59 1.67
CA LYS A 490 0.44 -13.38 3.09
C LYS A 490 1.10 -12.07 3.54
N TYR A 491 0.89 -11.74 4.82
CA TYR A 491 1.70 -10.67 5.36
C TYR A 491 2.82 -11.26 6.19
N PRO A 492 4.03 -10.71 6.06
CA PRO A 492 5.17 -11.24 6.83
C PRO A 492 5.14 -10.69 8.24
N LEU A 493 5.42 -11.56 9.21
CA LEU A 493 5.41 -11.19 10.61
C LEU A 493 6.61 -10.29 10.94
N PRO A 494 6.52 -9.51 12.03
CA PRO A 494 7.66 -8.67 12.42
C PRO A 494 8.89 -9.53 12.72
N THR A 495 10.05 -9.08 12.22
CA THR A 495 11.31 -9.71 12.56
C THR A 495 12.03 -9.02 13.72
N TYR A 496 11.68 -7.79 14.04
CA TYR A 496 12.27 -7.05 15.15
C TYR A 496 11.16 -6.65 16.12
N ASP A 497 11.57 -6.23 17.31
CA ASP A 497 10.69 -5.50 18.21
C ASP A 497 10.78 -4.01 17.91
N VAL A 498 9.81 -3.24 18.43
CA VAL A 498 9.79 -1.80 18.29
C VAL A 498 9.40 -1.13 19.59
N VAL A 499 9.68 0.16 19.68
CA VAL A 499 9.03 1.03 20.65
C VAL A 499 7.71 1.45 20.03
N VAL A 500 6.61 1.11 20.71
CA VAL A 500 5.29 1.36 20.15
C VAL A 500 4.97 2.84 20.31
N ARG A 501 4.64 3.52 19.19
CA ARG A 501 4.30 4.94 19.20
C ARG A 501 3.08 5.17 18.30
N GLY A 502 2.00 4.50 18.66
CA GLY A 502 0.74 4.58 17.93
C GLY A 502 0.09 3.22 17.98
N GLY A 503 -1.24 3.21 17.81
CA GLY A 503 -1.99 1.98 17.76
C GLY A 503 -2.87 1.95 16.53
N ALA A 504 -3.42 0.77 16.28
CA ALA A 504 -4.36 0.64 15.18
C ALA A 504 -5.75 1.10 15.61
N PRO A 505 -6.56 1.56 14.66
CA PRO A 505 -7.96 1.88 14.96
C PRO A 505 -8.73 0.63 15.37
N ASN A 506 -9.68 0.83 16.30
CA ASN A 506 -10.41 -0.31 16.87
C ASN A 506 -11.19 -1.09 15.83
N ALA A 507 -11.73 -0.42 14.81
CA ALA A 507 -12.47 -1.14 13.79
C ALA A 507 -11.59 -2.05 12.95
N PHE A 508 -10.27 -1.86 12.99
CA PHE A 508 -9.38 -2.66 12.15
C PHE A 508 -8.30 -3.35 12.96
N SER A 509 -8.50 -3.51 14.28
CA SER A 509 -7.45 -4.10 15.11
C SER A 509 -7.10 -5.51 14.65
N GLN A 510 -8.03 -6.21 14.01
CA GLN A 510 -7.81 -7.57 13.54
C GLN A 510 -7.06 -7.63 12.20
N CYS A 511 -6.65 -6.48 11.66
CA CYS A 511 -5.77 -6.45 10.49
C CYS A 511 -4.34 -6.04 10.84
N MET A 512 -4.00 -5.97 12.13
CA MET A 512 -2.63 -5.64 12.53
C MET A 512 -1.71 -6.82 12.32
N VAL A 513 -0.64 -6.59 11.58
CA VAL A 513 0.34 -7.64 11.31
C VAL A 513 1.31 -7.65 12.48
N ALA A 514 1.17 -8.64 13.35
CA ALA A 514 1.94 -8.74 14.57
C ALA A 514 1.69 -10.09 15.21
N TYR A 515 2.59 -10.49 16.10
CA TYR A 515 2.42 -11.72 16.85
C TYR A 515 1.37 -11.54 17.94
N ASP A 516 0.65 -12.62 18.24
CA ASP A 516 -0.20 -12.62 19.42
C ASP A 516 0.64 -12.52 20.68
N GLU A 517 0.08 -11.87 21.70
CA GLU A 517 0.78 -11.75 22.97
C GLU A 517 1.12 -13.12 23.55
N THR A 518 0.25 -14.11 23.33
CA THR A 518 0.46 -15.44 23.88
C THR A 518 1.48 -16.27 23.10
N GLN A 519 1.89 -15.83 21.91
CA GLN A 519 2.72 -16.67 21.04
C GLN A 519 3.87 -15.88 20.42
N LYS A 520 4.33 -14.82 21.07
CA LYS A 520 5.41 -14.05 20.48
C LYS A 520 6.75 -14.72 20.72
N PRO A 521 7.57 -14.91 19.70
CA PRO A 521 8.93 -15.42 19.89
C PRO A 521 9.87 -14.25 20.16
N SER A 522 11.07 -14.61 20.60
CA SER A 522 12.10 -13.61 20.78
C SER A 522 12.55 -13.10 19.41
N LEU A 523 12.36 -11.80 19.16
CA LEU A 523 12.80 -11.16 17.93
C LEU A 523 14.04 -10.32 18.19
N LYS A 524 14.62 -9.80 17.10
CA LYS A 524 15.76 -8.89 17.20
C LYS A 524 15.38 -7.66 18.02
N LYS A 525 16.34 -7.13 18.78
CA LYS A 525 16.06 -5.99 19.62
C LYS A 525 15.72 -4.76 18.77
N ALA A 526 14.97 -3.83 19.36
CA ALA A 526 14.51 -2.65 18.64
C ALA A 526 15.67 -1.78 18.19
N LEU A 527 15.62 -1.32 16.95
CA LEU A 527 16.64 -0.43 16.41
C LEU A 527 16.40 1.01 16.88
N LEU A 528 17.46 1.68 17.30
CA LEU A 528 17.38 3.06 17.75
C LEU A 528 18.18 3.95 16.82
N LEU A 529 18.01 5.26 17.00
CA LEU A 529 18.58 6.23 16.06
C LEU A 529 20.07 6.03 15.89
N GLY A 530 20.81 5.88 17.01
CA GLY A 530 22.24 5.66 16.91
C GLY A 530 22.63 4.47 16.06
N ASP A 531 21.79 3.45 16.00
CA ASP A 531 22.11 2.28 15.18
C ASP A 531 22.06 2.61 13.69
N ALA A 532 21.42 3.72 13.32
CA ALA A 532 21.26 4.08 11.92
C ALA A 532 22.19 5.19 11.47
N ILE A 533 22.51 6.15 12.33
CA ILE A 533 23.21 7.35 11.90
C ILE A 533 24.54 7.59 12.58
N SER A 534 24.89 6.84 13.64
CA SER A 534 26.19 7.03 14.29
C SER A 534 27.35 6.74 13.34
N ASP A 535 27.08 5.99 12.27
CA ASP A 535 28.04 5.75 11.21
C ASP A 535 28.63 7.04 10.63
N LEU A 536 27.78 8.02 10.39
CA LEU A 536 28.02 9.02 9.35
C LEU A 536 28.94 10.15 9.81
N PRO A 537 29.67 10.76 8.89
CA PRO A 537 30.54 11.89 9.27
C PRO A 537 29.70 13.12 9.57
N LYS A 538 30.35 14.09 10.21
CA LYS A 538 29.71 15.36 10.57
C LYS A 538 29.60 16.25 9.35
N VAL A 539 28.44 16.90 9.21
CA VAL A 539 28.21 17.91 8.18
C VAL A 539 27.57 19.10 8.85
N GLN A 540 27.54 20.21 8.13
CA GLN A 540 27.05 21.45 8.68
C GLN A 540 25.72 21.83 8.03
N ASN A 541 25.17 22.94 8.51
CA ASN A 541 23.89 23.44 7.99
C ASN A 541 23.97 23.64 6.48
N HIS A 542 24.98 24.34 6.01
CA HIS A 542 25.24 24.45 4.58
C HIS A 542 26.13 23.27 4.19
N GLN A 543 25.59 22.41 3.36
CA GLN A 543 26.32 21.23 2.88
C GLN A 543 25.78 20.93 1.49
N PRO A 544 26.50 21.34 0.44
CA PRO A 544 25.97 21.24 -0.93
C PRO A 544 26.53 20.09 -1.75
N ASN A 545 27.32 19.20 -1.15
CA ASN A 545 28.00 18.17 -1.92
C ASN A 545 27.10 16.95 -2.01
N ASP A 546 26.54 16.74 -3.19
CA ASP A 546 25.80 15.56 -3.62
C ASP A 546 26.48 14.28 -3.16
N VAL A 547 27.80 14.23 -3.28
CA VAL A 547 28.57 13.01 -3.09
C VAL A 547 29.80 13.34 -2.23
N MET A 548 29.88 12.74 -1.04
CA MET A 548 31.08 12.82 -0.23
C MET A 548 31.52 11.42 0.18
N GLU A 549 32.53 11.33 1.05
CA GLU A 549 33.02 10.06 1.55
C GLU A 549 32.53 9.80 2.97
N TYR A 550 32.49 8.52 3.33
CA TYR A 550 32.31 8.12 4.71
C TYR A 550 33.56 8.45 5.51
N GLY A 551 33.38 8.90 6.75
CA GLY A 551 34.53 9.18 7.58
C GLY A 551 34.83 8.07 8.54
N GLY A 552 34.62 6.83 8.12
CA GLY A 552 34.82 5.71 9.00
C GLY A 552 34.18 4.43 8.49
N SER A 553 34.37 3.39 9.25
CA SER A 553 33.74 2.12 8.98
C SER A 553 32.35 2.08 9.60
N PRO A 554 31.47 1.22 9.11
CA PRO A 554 30.18 1.06 9.78
C PRO A 554 30.40 0.48 11.18
N LYS A 555 29.65 1.00 12.15
CA LYS A 555 29.80 0.60 13.55
C LYS A 555 28.84 -0.51 13.96
N THR A 556 27.65 -0.54 13.39
CA THR A 556 26.57 -1.40 13.85
C THR A 556 26.17 -2.41 12.77
N GLU A 557 25.31 -3.35 13.18
CA GLU A 557 24.75 -4.34 12.26
C GLU A 557 23.85 -3.68 11.22
N PHE A 558 22.99 -2.76 11.65
CA PHE A 558 22.15 -2.06 10.68
C PHE A 558 23.01 -1.29 9.69
N GLN A 559 24.04 -0.61 10.19
CA GLN A 559 24.92 0.16 9.31
C GLN A 559 25.70 -0.73 8.35
N ARG A 560 26.09 -1.93 8.78
CA ARG A 560 26.71 -2.86 7.84
C ARG A 560 25.72 -3.32 6.78
N TYR A 561 24.45 -3.52 7.15
CA TYR A 561 23.45 -3.91 6.16
C TYR A 561 23.16 -2.76 5.20
N ILE A 562 22.85 -1.57 5.73
CA ILE A 562 22.50 -0.43 4.89
C ILE A 562 23.62 -0.02 3.94
N ARG A 563 24.86 -0.50 4.16
CA ARG A 563 25.99 -0.19 3.30
C ARG A 563 26.26 -1.26 2.25
N LEU A 564 25.44 -2.29 2.17
CA LEU A 564 25.70 -3.38 1.24
C LEU A 564 25.60 -2.91 -0.21
N SER A 565 26.41 -3.51 -1.08
CA SER A 565 26.35 -3.22 -2.51
C SER A 565 25.03 -3.70 -3.10
N ARG A 566 24.84 -3.38 -4.39
CA ARG A 566 23.66 -3.82 -5.13
C ARG A 566 23.63 -5.34 -5.27
N LYS A 567 24.76 -5.96 -5.59
CA LYS A 567 24.79 -7.42 -5.73
C LYS A 567 24.42 -8.10 -4.43
N ASP A 568 24.92 -7.57 -3.31
CA ASP A 568 24.62 -8.16 -2.01
C ASP A 568 23.15 -7.99 -1.65
N MET A 569 22.51 -6.89 -2.08
CA MET A 569 21.08 -6.69 -1.87
C MET A 569 20.21 -7.49 -2.84
N LEU A 570 20.82 -8.22 -3.78
CA LEU A 570 20.10 -8.88 -4.88
C LEU A 570 19.39 -7.87 -5.77
N ASP A 571 19.97 -6.67 -5.88
CA ASP A 571 19.47 -5.60 -6.74
C ASP A 571 20.12 -5.76 -8.11
N TRP A 572 19.37 -6.33 -9.06
CA TRP A 572 19.91 -6.64 -10.38
C TRP A 572 19.62 -5.55 -11.42
N SER A 573 19.37 -4.32 -10.97
CA SER A 573 18.95 -3.26 -11.88
C SER A 573 20.03 -2.92 -12.90
N PHE A 574 21.30 -3.05 -12.52
CA PHE A 574 22.40 -2.88 -13.46
C PHE A 574 22.93 -4.22 -13.96
N GLY A 575 22.20 -5.31 -13.73
CA GLY A 575 22.58 -6.60 -14.29
C GLY A 575 23.88 -7.10 -13.71
N GLU A 576 24.81 -7.47 -14.59
CA GLU A 576 26.10 -7.95 -14.15
C GLU A 576 27.00 -6.79 -13.72
N GLY A 577 27.78 -7.01 -12.69
CA GLY A 577 28.70 -6.00 -12.21
C GLY A 577 27.99 -4.90 -11.45
N ALA A 578 28.69 -4.25 -10.52
CA ALA A 578 28.09 -3.22 -9.71
C ALA A 578 27.67 -2.04 -10.57
N GLY A 579 26.64 -1.34 -10.11
CA GLY A 579 26.29 -0.06 -10.69
C GLY A 579 27.20 1.04 -10.19
N PRO A 580 26.72 2.27 -10.24
CA PRO A 580 27.52 3.41 -9.83
C PRO A 580 27.34 3.71 -8.35
N ASP A 581 28.31 4.44 -7.81
CA ASP A 581 28.25 5.10 -6.51
C ASP A 581 28.12 4.12 -5.36
N GLU A 582 28.45 2.84 -5.59
CA GLU A 582 28.61 1.87 -4.50
C GLU A 582 29.95 2.13 -3.85
N GLY A 583 29.92 2.66 -2.63
CA GLY A 583 31.11 3.14 -1.97
C GLY A 583 31.10 4.63 -1.66
N LYS A 584 30.10 5.36 -2.14
CA LYS A 584 30.02 6.80 -1.92
C LYS A 584 28.90 7.11 -0.94
N LEU A 585 29.07 8.19 -0.19
CA LEU A 585 28.05 8.67 0.74
C LEU A 585 27.22 9.71 0.02
N LEU A 586 26.03 9.31 -0.41
CA LEU A 586 25.21 10.16 -1.27
C LEU A 586 24.20 10.94 -0.44
N ASP A 587 23.96 12.19 -0.87
CA ASP A 587 22.87 13.01 -0.36
C ASP A 587 22.89 13.13 1.16
N HIS A 588 24.09 13.20 1.72
CA HIS A 588 24.25 13.45 3.15
C HIS A 588 24.23 14.96 3.40
N GLN A 589 23.06 15.56 3.12
CA GLN A 589 22.94 17.02 3.15
C GLN A 589 21.68 17.40 3.91
N PRO A 590 21.77 18.33 4.85
CA PRO A 590 20.58 18.74 5.60
C PRO A 590 19.85 19.86 4.88
N LEU A 591 18.65 20.14 5.36
CA LEU A 591 17.93 21.34 4.93
C LEU A 591 18.72 22.56 5.38
N ARG A 592 19.07 23.42 4.44
CA ARG A 592 19.86 24.62 4.74
C ARG A 592 18.95 25.67 5.34
N LEU A 593 18.91 25.71 6.68
CA LEU A 593 18.07 26.68 7.36
C LEU A 593 18.58 28.10 7.13
N ASN A 594 17.66 29.05 7.21
CA ASN A 594 18.03 30.45 7.09
C ASN A 594 18.77 30.90 8.34
N ASN A 595 19.30 32.13 8.28
CA ASN A 595 20.12 32.64 9.37
C ASN A 595 19.38 32.61 10.71
N ASP A 596 18.10 32.98 10.70
CA ASP A 596 17.34 32.98 11.95
C ASP A 596 17.21 31.57 12.51
N ASP A 597 16.75 30.62 11.69
CA ASP A 597 16.59 29.25 12.17
C ASP A 597 17.93 28.63 12.55
N TYR A 598 19.01 28.99 11.84
CA TYR A 598 20.32 28.42 12.13
C TYR A 598 20.80 28.82 13.51
N GLU A 599 20.85 30.13 13.78
CA GLU A 599 21.25 30.60 15.09
C GLU A 599 20.30 30.08 16.17
N ARG A 600 19.06 29.78 15.82
CA ARG A 600 18.12 29.20 16.78
C ARG A 600 18.54 27.80 17.18
N VAL A 601 18.81 26.93 16.20
CA VAL A 601 19.25 25.58 16.53
C VAL A 601 20.68 25.59 17.08
N GLN A 602 21.48 26.62 16.76
CA GLN A 602 22.79 26.74 17.37
C GLN A 602 22.68 26.91 18.88
N GLN A 603 21.58 27.49 19.33
CA GLN A 603 21.37 27.74 20.76
C GLN A 603 20.60 26.62 21.45
N ILE A 604 20.12 25.63 20.71
CA ILE A 604 19.50 24.47 21.37
C ILE A 604 20.60 23.63 22.02
N PRO A 605 20.51 23.32 23.31
CA PRO A 605 21.61 22.59 23.96
C PRO A 605 21.69 21.14 23.49
N VAL A 606 22.88 20.57 23.60
CA VAL A 606 23.09 19.18 23.21
C VAL A 606 22.71 18.22 24.33
N LYS A 607 21.46 18.29 24.75
CA LYS A 607 20.90 17.40 25.76
C LYS A 607 19.92 16.44 25.11
N LYS A 608 19.61 15.37 25.84
CA LYS A 608 18.49 14.53 25.45
C LYS A 608 17.20 15.27 25.72
N GLY A 609 16.30 15.28 24.75
CA GLY A 609 15.05 15.99 24.90
C GLY A 609 15.17 17.50 25.02
N ALA A 610 16.25 18.09 24.51
CA ALA A 610 16.36 19.54 24.46
C ALA A 610 15.49 20.09 23.33
N ASN A 611 14.76 21.17 23.63
CA ASN A 611 13.85 21.77 22.67
C ASN A 611 13.89 23.28 22.85
N PHE A 612 12.88 23.98 22.31
CA PHE A 612 12.85 25.43 22.39
C PHE A 612 12.67 25.94 23.81
N ARG A 613 12.13 25.13 24.72
CA ARG A 613 11.97 25.58 26.10
C ARG A 613 13.30 25.82 26.79
N ASP A 614 14.41 25.34 26.23
CA ASP A 614 15.73 25.54 26.80
C ASP A 614 16.39 26.86 26.38
N LEU A 615 15.75 27.63 25.50
CA LEU A 615 16.32 28.91 25.08
C LEU A 615 16.11 29.97 26.15
N LYS A 616 16.95 31.00 26.13
CA LYS A 616 16.89 32.05 27.13
C LYS A 616 15.64 32.91 26.92
N GLY A 617 14.84 33.05 27.96
CA GLY A 617 13.62 33.85 27.92
C GLY A 617 12.33 33.09 28.16
N VAL A 618 12.36 31.76 28.14
CA VAL A 618 11.17 30.94 28.33
C VAL A 618 11.37 30.05 29.55
N ARG A 619 10.34 29.94 30.39
CA ARG A 619 10.32 28.99 31.47
C ARG A 619 8.94 28.35 31.56
N VAL A 620 8.88 27.21 32.25
CA VAL A 620 7.66 26.42 32.35
C VAL A 620 6.80 26.94 33.48
N GLY A 621 5.48 26.78 33.34
CA GLY A 621 4.54 27.15 34.38
C GLY A 621 3.63 26.01 34.79
N ALA A 622 2.43 26.33 35.28
CA ALA A 622 1.51 25.31 35.75
C ALA A 622 0.91 24.54 34.58
N ASN A 623 0.64 23.26 34.82
CA ASN A 623 0.09 22.32 33.83
C ASN A 623 0.97 22.22 32.59
N ASN A 624 2.26 22.52 32.74
CA ASN A 624 3.24 22.46 31.64
C ASN A 624 2.81 23.33 30.46
N ILE A 625 2.40 24.56 30.75
CA ILE A 625 2.12 25.58 29.75
C ILE A 625 3.27 26.59 29.76
N VAL A 626 3.89 26.78 28.60
CA VAL A 626 5.08 27.63 28.51
C VAL A 626 4.70 29.09 28.64
N GLU A 627 5.60 29.86 29.25
CA GLU A 627 5.43 31.30 29.40
C GLU A 627 6.80 31.95 29.31
N TRP A 628 6.78 33.28 29.33
CA TRP A 628 8.00 34.05 29.55
C TRP A 628 8.15 34.31 31.05
N ASP A 629 9.35 34.11 31.57
CA ASP A 629 9.65 34.70 32.87
C ASP A 629 9.96 36.17 32.64
N PRO A 630 9.16 37.10 33.18
CA PRO A 630 9.42 38.54 32.94
C PRO A 630 10.78 39.00 33.42
N GLU A 631 11.55 38.14 34.10
CA GLU A 631 12.90 38.49 34.51
C GLU A 631 13.79 38.79 33.31
N ILE A 632 13.52 38.17 32.16
CA ILE A 632 14.33 38.28 30.96
C ILE A 632 13.51 38.98 29.89
N GLU A 633 14.07 40.04 29.31
CA GLU A 633 13.45 40.68 28.16
C GLU A 633 13.56 39.78 26.93
N ARG A 634 12.61 39.92 26.01
CA ARG A 634 12.55 39.04 24.85
C ARG A 634 13.83 39.12 24.03
N VAL A 635 14.53 38.00 23.90
CA VAL A 635 15.83 37.98 23.22
C VAL A 635 15.62 38.10 21.72
N LYS A 636 16.51 38.85 21.08
CA LYS A 636 16.54 39.00 19.64
C LYS A 636 17.87 38.46 19.10
N LEU A 637 17.85 38.01 17.85
CA LEU A 637 19.08 37.56 17.20
C LEU A 637 19.74 38.73 16.49
N SER A 638 20.79 38.44 15.72
CA SER A 638 21.44 39.47 14.91
C SER A 638 20.48 40.07 13.90
N SER A 639 19.42 39.34 13.54
CA SER A 639 18.45 39.82 12.57
C SER A 639 17.49 40.84 13.13
N GLY A 640 17.29 40.88 14.45
CA GLY A 640 16.24 41.70 15.03
C GLY A 640 14.91 40.99 15.18
N LYS A 641 14.81 39.73 14.81
CA LYS A 641 13.62 38.94 15.04
C LYS A 641 13.79 38.13 16.33
N PRO A 642 12.69 37.68 16.94
CA PRO A 642 12.82 37.04 18.26
C PRO A 642 13.55 35.72 18.18
N LEU A 643 14.33 35.41 19.22
CA LEU A 643 14.99 34.13 19.31
C LEU A 643 13.97 32.98 19.32
N VAL A 644 12.98 33.07 20.20
CA VAL A 644 11.89 32.10 20.15
C VAL A 644 10.77 32.72 19.33
N PRO A 645 10.21 31.99 18.38
CA PRO A 645 9.08 32.52 17.61
C PRO A 645 7.77 32.37 18.37
N ASP A 646 6.79 33.18 17.96
CA ASP A 646 5.51 33.17 18.65
C ASP A 646 4.80 31.83 18.51
N TYR A 647 4.85 31.23 17.32
CA TYR A 647 4.12 29.98 17.10
C TYR A 647 4.61 28.86 18.02
N ALA A 648 5.88 28.91 18.42
CA ALA A 648 6.42 27.89 19.31
C ALA A 648 5.76 27.95 20.67
N MET A 649 5.42 29.15 21.13
CA MET A 649 4.68 29.29 22.38
C MET A 649 3.18 29.07 22.18
N SER A 650 2.69 29.23 20.96
CA SER A 650 1.29 29.04 20.63
C SER A 650 1.00 27.61 20.18
N PHE A 651 2.01 26.76 20.10
CA PHE A 651 1.85 25.44 19.52
C PHE A 651 1.18 24.50 20.51
N ILE A 652 0.03 23.95 20.09
CA ILE A 652 -0.77 23.02 20.89
C ILE A 652 -0.92 23.61 22.29
N LYS A 653 -1.63 24.73 22.37
CA LYS A 653 -1.98 25.38 23.64
C LYS A 653 -0.75 25.60 24.52
N GLY A 654 0.41 25.77 23.89
CA GLY A 654 1.64 25.98 24.63
C GLY A 654 2.08 24.79 25.45
N LYS A 655 1.76 23.57 25.00
CA LYS A 655 2.09 22.36 25.72
C LYS A 655 3.10 21.48 24.98
N SER A 656 3.52 21.87 23.78
CA SER A 656 4.31 20.98 22.94
C SER A 656 5.79 21.13 23.21
N LEU A 657 6.48 19.98 23.18
CA LEU A 657 7.93 19.91 23.32
C LEU A 657 8.62 19.67 21.98
N LYS A 658 7.91 19.90 20.87
CA LYS A 658 8.41 19.60 19.53
C LYS A 658 9.22 20.73 18.91
N PRO A 659 8.79 22.02 19.00
CA PRO A 659 9.51 23.09 18.27
C PRO A 659 11.00 23.14 18.60
N PHE A 660 11.82 23.01 17.55
CA PHE A 660 13.28 23.02 17.69
C PHE A 660 13.74 21.99 18.71
N GLY A 661 13.07 20.84 18.70
CA GLY A 661 13.48 19.74 19.55
C GLY A 661 14.63 18.97 18.93
N ARG A 662 15.47 18.43 19.79
CA ARG A 662 16.63 17.65 19.38
C ARG A 662 16.36 16.17 19.62
N LEU A 663 16.76 15.33 18.67
CA LEU A 663 16.72 13.89 18.85
C LEU A 663 17.93 13.42 19.64
N TRP A 664 17.88 12.17 20.08
CA TRP A 664 18.99 11.56 20.80
C TRP A 664 19.26 10.16 20.26
N TRP A 665 20.42 9.62 20.63
CA TRP A 665 20.88 8.36 20.04
C TRP A 665 20.03 7.18 20.48
N ASP A 666 19.37 7.27 21.63
CA ASP A 666 18.56 6.18 22.15
C ASP A 666 17.07 6.37 21.88
N GLU A 667 16.72 7.14 20.87
CA GLU A 667 15.33 7.41 20.59
C GLU A 667 14.95 6.85 19.23
N THR A 668 13.67 6.92 18.90
CA THR A 668 13.20 6.59 17.57
C THR A 668 12.43 7.78 17.00
N VAL A 669 12.45 7.91 15.68
CA VAL A 669 11.57 8.84 14.98
C VAL A 669 10.32 8.08 14.57
N PRO A 670 9.13 8.48 15.02
CA PRO A 670 7.95 7.66 14.72
C PRO A 670 7.59 7.66 13.25
N THR A 671 7.72 8.78 12.55
CA THR A 671 7.42 8.84 11.12
C THR A 671 8.41 9.78 10.44
N VAL A 672 9.21 9.24 9.52
CA VAL A 672 9.99 10.09 8.62
C VAL A 672 9.03 10.75 7.64
N VAL A 673 8.99 12.08 7.65
CA VAL A 673 8.04 12.84 6.85
C VAL A 673 8.78 13.64 5.79
N THR A 674 8.02 14.27 4.89
CA THR A 674 8.62 14.94 3.75
C THR A 674 9.20 16.31 4.08
N ARG A 675 8.82 16.89 5.21
CA ARG A 675 9.28 18.23 5.58
C ARG A 675 10.34 18.13 6.66
N ALA A 676 11.37 18.97 6.56
CA ALA A 676 12.53 18.87 7.43
C ALA A 676 12.73 20.11 8.29
N GLU A 677 11.79 21.06 8.27
CA GLU A 677 11.94 22.25 9.10
C GLU A 677 11.77 21.90 10.58
N PRO A 678 12.56 22.50 11.47
CA PRO A 678 12.48 22.13 12.89
C PRO A 678 11.44 22.92 13.65
N HIS A 679 10.46 23.51 12.96
CA HIS A 679 9.52 24.40 13.62
C HIS A 679 8.50 23.64 14.46
N ASN A 680 7.93 22.55 13.93
CA ASN A 680 6.83 21.86 14.60
C ASN A 680 7.13 20.37 14.81
N GLN A 681 8.40 20.01 14.87
CA GLN A 681 8.79 18.61 14.97
C GLN A 681 10.19 18.52 15.56
N VAL A 682 10.53 17.34 16.06
CA VAL A 682 11.83 17.05 16.64
C VAL A 682 12.68 16.41 15.56
N ILE A 683 13.57 17.21 14.95
CA ILE A 683 14.35 16.73 13.81
C ILE A 683 15.76 17.28 13.84
N ILE A 684 16.16 17.91 14.95
CA ILE A 684 17.54 18.37 15.09
C ILE A 684 18.46 17.19 15.39
N HIS A 685 19.61 17.15 14.73
CA HIS A 685 20.59 16.09 14.96
C HIS A 685 21.05 16.10 16.42
N PRO A 686 21.36 14.93 16.98
CA PRO A 686 21.76 14.88 18.40
C PRO A 686 22.97 15.75 18.75
N THR A 687 24.08 15.61 18.02
CA THR A 687 25.30 16.32 18.41
C THR A 687 25.61 17.54 17.55
N GLN A 688 25.09 17.61 16.34
CA GLN A 688 25.45 18.67 15.42
C GLN A 688 24.33 19.69 15.28
N ALA A 689 24.70 20.89 14.82
CA ALA A 689 23.79 22.03 14.74
C ALA A 689 23.14 22.03 13.36
N ARG A 690 22.16 21.14 13.20
CA ARG A 690 21.48 20.95 11.93
C ARG A 690 20.33 19.99 12.19
N VAL A 691 19.48 19.85 11.16
CA VAL A 691 18.43 18.82 11.17
C VAL A 691 19.02 17.57 10.55
N LEU A 692 18.26 16.48 10.61
CA LEU A 692 18.69 15.23 9.99
C LEU A 692 18.83 15.41 8.49
N THR A 693 19.86 14.80 7.92
CA THR A 693 20.07 14.96 6.49
C THR A 693 19.18 14.00 5.71
N ILE A 694 19.07 14.27 4.41
CA ILE A 694 18.33 13.40 3.50
C ILE A 694 18.79 11.95 3.66
N ARG A 695 20.11 11.74 3.73
CA ARG A 695 20.64 10.37 3.83
C ARG A 695 20.31 9.75 5.18
N GLU A 696 20.39 10.53 6.26
CA GLU A 696 19.97 10.02 7.56
C GLU A 696 18.51 9.59 7.55
N ASN A 697 17.65 10.44 6.97
CA ASN A 697 16.23 10.10 6.85
C ASN A 697 16.05 8.86 5.98
N ALA A 698 16.84 8.74 4.92
CA ALA A 698 16.69 7.59 4.03
C ALA A 698 17.11 6.31 4.72
N ARG A 699 18.13 6.39 5.57
CA ARG A 699 18.53 5.25 6.39
C ARG A 699 17.40 4.85 7.33
N LEU A 700 16.76 5.83 7.97
CA LEU A 700 15.63 5.48 8.83
C LEU A 700 14.52 4.83 8.04
N GLN A 701 14.38 5.18 6.75
CA GLN A 701 13.41 4.56 5.85
C GLN A 701 13.88 3.23 5.26
N GLY A 702 15.13 2.83 5.50
CA GLY A 702 15.59 1.56 5.00
C GLY A 702 16.21 1.56 3.62
N PHE A 703 16.45 2.74 3.05
CA PHE A 703 17.09 2.81 1.73
C PHE A 703 18.52 2.32 1.83
N PRO A 704 18.96 1.41 0.96
CA PRO A 704 20.39 1.15 0.84
C PRO A 704 21.13 2.43 0.46
N ASP A 705 22.38 2.53 0.89
CA ASP A 705 23.15 3.77 0.70
C ASP A 705 23.39 4.05 -0.78
N TYR A 706 23.46 3.03 -1.63
CA TYR A 706 23.72 3.28 -3.04
C TYR A 706 22.54 3.94 -3.74
N TYR A 707 21.38 4.03 -3.09
CA TYR A 707 20.17 4.55 -3.75
C TYR A 707 20.26 6.07 -3.87
N ARG A 708 20.77 6.56 -4.99
CA ARG A 708 21.02 7.98 -5.15
C ARG A 708 19.71 8.71 -5.49
N LEU A 709 19.54 9.89 -4.90
CA LEU A 709 18.39 10.74 -5.16
C LEU A 709 18.84 12.02 -5.89
N PHE A 710 17.89 12.66 -6.55
CA PHE A 710 18.17 13.84 -7.36
C PHE A 710 17.15 14.93 -7.07
N GLY A 711 17.44 16.13 -7.56
CA GLY A 711 16.59 17.27 -7.37
C GLY A 711 17.11 18.18 -6.29
N PRO A 712 16.38 19.26 -6.00
CA PRO A 712 16.73 20.11 -4.86
C PRO A 712 16.65 19.35 -3.56
N ILE A 713 17.29 19.90 -2.53
CA ILE A 713 17.29 19.27 -1.22
C ILE A 713 15.86 19.06 -0.71
N LYS A 714 15.00 20.08 -0.86
CA LYS A 714 13.63 19.92 -0.39
C LYS A 714 12.92 18.78 -1.11
N GLU A 715 13.20 18.60 -2.40
CA GLU A 715 12.57 17.52 -3.16
C GLU A 715 13.12 16.16 -2.73
N LYS A 716 14.42 16.09 -2.42
CA LYS A 716 14.97 14.83 -1.97
C LYS A 716 14.34 14.40 -0.65
N TYR A 717 14.09 15.35 0.25
CA TYR A 717 13.38 15.05 1.49
C TYR A 717 11.99 14.51 1.23
N ILE A 718 11.28 15.07 0.24
CA ILE A 718 9.93 14.62 -0.08
C ILE A 718 9.96 13.18 -0.58
N GLN A 719 10.96 12.84 -1.39
CA GLN A 719 11.08 11.49 -1.93
C GLN A 719 11.27 10.44 -0.82
N VAL A 720 12.16 10.72 0.16
CA VAL A 720 12.33 9.72 1.22
C VAL A 720 11.15 9.76 2.18
N GLY A 721 10.53 10.93 2.34
CA GLY A 721 9.39 11.04 3.26
C GLY A 721 8.16 10.30 2.78
N ASN A 722 7.96 10.24 1.47
CA ASN A 722 6.82 9.53 0.91
C ASN A 722 7.06 8.03 0.77
N ALA A 723 8.31 7.58 0.86
CA ALA A 723 8.64 6.22 0.47
C ALA A 723 7.94 5.20 1.34
N VAL A 724 7.77 4.01 0.78
CA VAL A 724 7.54 2.83 1.58
C VAL A 724 8.87 2.35 2.11
N ALA A 725 8.99 2.25 3.43
CA ALA A 725 10.15 1.62 4.05
C ALA A 725 10.61 0.42 3.24
N VAL A 726 11.86 0.50 2.75
CA VAL A 726 12.36 -0.55 1.84
C VAL A 726 12.39 -1.92 2.50
N PRO A 727 12.76 -2.08 3.77
CA PRO A 727 12.65 -3.43 4.36
C PRO A 727 11.22 -3.93 4.42
N VAL A 728 10.23 -3.03 4.58
CA VAL A 728 8.84 -3.46 4.57
C VAL A 728 8.45 -3.97 3.20
N ALA A 729 8.78 -3.21 2.15
CA ALA A 729 8.54 -3.68 0.79
C ALA A 729 9.34 -4.94 0.48
N ARG A 730 10.56 -5.09 1.02
CA ARG A 730 11.31 -6.31 0.77
C ARG A 730 10.66 -7.52 1.41
N ALA A 731 10.07 -7.35 2.59
CA ALA A 731 9.37 -8.45 3.24
C ALA A 731 8.12 -8.83 2.46
N LEU A 732 7.28 -7.84 2.11
CA LEU A 732 6.13 -8.12 1.27
C LEU A 732 6.57 -8.72 -0.07
N GLY A 733 7.72 -8.29 -0.58
CA GLY A 733 8.22 -8.85 -1.83
C GLY A 733 8.50 -10.33 -1.76
N TYR A 734 8.93 -10.82 -0.59
CA TYR A 734 9.18 -12.24 -0.43
C TYR A 734 7.88 -13.02 -0.43
N CYS A 735 6.87 -12.52 0.30
CA CYS A 735 5.54 -13.13 0.27
C CYS A 735 4.91 -13.07 -1.10
N LEU A 736 5.13 -11.98 -1.84
CA LEU A 736 4.62 -11.91 -3.20
C LEU A 736 5.28 -12.96 -4.09
N GLY A 737 6.60 -13.12 -3.98
CA GLY A 737 7.29 -14.08 -4.82
C GLY A 737 6.99 -15.50 -4.44
N GLN A 738 6.88 -15.78 -3.14
CA GLN A 738 6.53 -17.13 -2.70
C GLN A 738 5.14 -17.50 -3.19
N ALA A 739 4.20 -16.54 -3.17
CA ALA A 739 2.85 -16.81 -3.66
C ALA A 739 2.83 -16.92 -5.18
N TYR A 740 3.56 -16.03 -5.86
CA TYR A 740 3.58 -16.06 -7.32
C TYR A 740 4.11 -17.39 -7.83
N LEU A 741 5.14 -17.94 -7.18
CA LEU A 741 5.73 -19.19 -7.61
C LEU A 741 4.94 -20.42 -7.16
N GLY A 742 3.79 -20.23 -6.53
CA GLY A 742 3.05 -21.35 -5.97
C GLY A 742 3.82 -22.13 -4.93
N GLU A 743 4.74 -21.48 -4.21
CA GLU A 743 5.55 -22.13 -3.19
C GLU A 743 5.15 -21.73 -1.78
N SER A 744 4.02 -21.04 -1.61
CA SER A 744 3.49 -20.73 -0.31
C SER A 744 2.77 -21.96 0.26
N GLU A 745 2.25 -21.83 1.47
CA GLU A 745 1.68 -22.98 2.17
C GLU A 745 0.57 -22.55 3.11
N GLY A 746 -0.58 -23.19 2.99
CA GLY A 746 -1.65 -23.06 3.96
C GLY A 746 -2.53 -21.85 3.75
N SER A 747 -3.58 -21.78 4.56
CA SER A 747 -4.56 -20.70 4.51
C SER A 747 -4.23 -19.53 5.43
N ASP A 748 -3.18 -19.65 6.24
CA ASP A 748 -2.89 -18.64 7.24
C ASP A 748 -2.56 -17.30 6.58
N PRO A 749 -3.05 -16.18 7.13
CA PRO A 749 -2.72 -14.87 6.54
C PRO A 749 -1.34 -14.36 6.92
N LEU A 750 -0.69 -14.92 7.93
CA LEU A 750 0.59 -14.42 8.42
C LEU A 750 1.71 -15.40 8.09
N TYR A 751 2.90 -14.86 7.81
CA TYR A 751 4.02 -15.66 7.38
C TYR A 751 5.28 -15.31 8.15
N GLN A 752 5.90 -16.31 8.77
CA GLN A 752 7.17 -16.09 9.44
C GLN A 752 8.29 -16.07 8.40
N LEU A 753 8.97 -14.94 8.29
CA LEU A 753 10.02 -14.80 7.30
C LEU A 753 11.16 -15.76 7.60
N PRO A 754 11.76 -16.36 6.58
CA PRO A 754 12.78 -17.37 6.81
C PRO A 754 14.05 -16.75 7.39
N PRO A 755 14.83 -17.53 8.13
CA PRO A 755 16.09 -17.00 8.69
C PRO A 755 16.95 -16.31 7.65
N SER A 756 16.92 -16.79 6.41
CA SER A 756 17.68 -16.20 5.33
C SER A 756 17.33 -14.73 5.10
N PHE A 757 16.12 -14.30 5.49
CA PHE A 757 15.72 -12.92 5.22
C PHE A 757 16.58 -11.93 6.00
N THR A 758 17.00 -12.31 7.20
CA THR A 758 17.98 -11.55 7.96
C THR A 758 19.33 -12.24 7.83
N SER A 759 20.20 -11.62 7.05
CA SER A 759 21.43 -12.25 6.58
C SER A 759 22.42 -12.47 7.72
N VAL A 760 23.69 -12.52 7.38
CA VAL A 760 24.74 -12.74 8.35
C VAL A 760 25.08 -11.44 9.09
CA ARG B 3 -45.23 -12.62 19.21
C ARG B 3 -44.60 -12.51 17.81
N THR B 4 -43.30 -12.24 17.76
CA THR B 4 -42.57 -12.12 16.51
C THR B 4 -41.36 -13.03 16.54
N LYS B 5 -40.85 -13.34 15.35
CA LYS B 5 -39.68 -14.20 15.23
C LYS B 5 -38.50 -13.59 15.97
N GLN B 6 -37.96 -14.35 16.92
CA GLN B 6 -36.86 -13.84 17.72
C GLN B 6 -35.63 -13.59 16.86
N THR B 7 -34.96 -12.47 17.11
CA THR B 7 -33.74 -12.14 16.40
C THR B 7 -32.59 -13.00 16.90
N ALA B 8 -31.75 -13.46 15.98
CA ALA B 8 -30.66 -14.36 16.29
C ALA B 8 -29.40 -13.61 16.68
N ARG B 9 -28.57 -14.29 17.46
CA ARG B 9 -27.33 -13.72 17.91
C ARG B 9 -26.25 -13.90 16.84
N M2L B 10 -25.52 -12.81 16.57
CA M2L B 10 -24.47 -12.84 15.59
CB M2L B 10 -24.91 -12.15 14.30
SG M2L B 10 -23.72 -12.58 13.04
CD M2L B 10 -24.70 -12.74 11.56
CE M2L B 10 -23.73 -12.88 10.39
NZ M2L B 10 -23.10 -11.63 10.01
CM1 M2L B 10 -24.05 -10.60 9.64
CM2 M2L B 10 -22.04 -11.81 9.06
C M2L B 10 -23.21 -12.21 16.16
O M2L B 10 -23.28 -10.91 16.51
N SER B 11 -22.24 -13.06 16.45
CA SER B 11 -21.04 -12.65 17.17
C SER B 11 -19.78 -13.21 16.54
N LYS B 15 -13.61 -11.53 22.16
CA LYS B 15 -12.51 -10.62 21.88
C LYS B 15 -11.33 -11.37 21.26
N ALA B 16 -10.65 -10.73 20.33
CA ALA B 16 -9.47 -11.29 19.71
C ALA B 16 -8.28 -11.23 20.67
N PRO B 17 -7.33 -12.16 20.55
CA PRO B 17 -6.09 -12.04 21.33
C PRO B 17 -5.34 -10.77 20.97
N ARG B 18 -4.77 -10.13 21.98
CA ARG B 18 -3.95 -8.94 21.75
C ARG B 18 -2.72 -9.30 20.92
N LYS B 19 -2.30 -8.36 20.10
CA LYS B 19 -1.04 -8.48 19.38
C LYS B 19 0.05 -7.74 20.14
N GLN B 20 1.25 -8.33 20.15
CA GLN B 20 2.36 -7.84 20.97
C GLN B 20 3.48 -7.37 20.05
N LEU B 21 3.61 -6.05 19.91
CA LEU B 21 4.73 -5.46 19.18
C LEU B 21 5.94 -5.22 20.07
N ALA B 22 5.73 -4.97 21.36
CA ALA B 22 6.79 -4.64 22.29
C ALA B 22 7.56 -5.89 22.70
N THR B 23 8.65 -5.67 23.44
CA THR B 23 9.51 -6.78 23.87
C THR B 23 8.88 -7.54 25.03
N LYS B 24 8.65 -6.86 26.16
CA LYS B 24 8.09 -7.53 27.33
C LYS B 24 6.59 -7.76 27.19
N ALA B 25 5.84 -6.71 26.86
CA ALA B 25 4.38 -6.81 26.65
C ALA B 25 3.86 -5.61 25.89
P 5MC C 7 4.28 33.91 13.98
OP1 5MC C 7 4.18 34.98 15.05
OP2 5MC C 7 5.15 32.78 14.47
O5' 5MC C 7 2.82 33.41 13.74
C5' 5MC C 7 2.66 32.03 13.87
C4' 5MC C 7 1.54 31.57 13.01
O4' 5MC C 7 1.97 31.06 11.92
C3' 5MC C 7 0.89 30.39 13.89
O3' 5MC C 7 -0.44 30.83 14.25
C2' 5MC C 7 0.89 29.27 13.20
C1' 5MC C 7 1.24 29.69 11.78
N1 5MC C 7 2.05 28.85 11.19
C2 5MC C 7 1.56 28.02 10.10
O2 5MC C 7 0.41 28.07 9.75
N3 5MC C 7 2.47 27.09 9.43
C4 5MC C 7 3.83 27.01 9.83
N4 5MC C 7 4.71 26.11 9.18
C5 5MC C 7 4.32 27.84 10.91
C6 5MC C 7 3.41 28.77 11.59
CM5 5MC C 7 5.77 27.74 11.33
P C49 D 10 1.21 9.45 8.76
O1P C49 D 10 0.49 8.58 7.79
O2P C49 D 10 2.18 8.61 9.55
O5' C49 D 10 1.87 10.73 8.07
C5' C49 D 10 1.71 11.00 6.70
C4' C49 D 10 3.04 10.88 6.00
O4' C49 D 10 3.09 9.44 5.26
C3' C49 D 10 3.20 11.76 5.05
O3' C49 D 10 3.89 12.98 5.55
C2' C49 D 10 4.03 11.06 3.94
C1' C49 D 10 3.87 9.55 4.22
N1 C49 D 10 3.28 8.83 3.12
C2 C49 D 10 3.47 7.35 3.10
O2 C49 D 10 4.12 6.83 3.99
N3 C49 D 10 2.90 6.52 2.01
C4 C49 D 10 2.16 7.13 0.96
N4 C49 D 10 1.63 6.44 -0.01
C5 C49 D 10 1.99 8.63 0.98
C6 C49 D 10 2.52 9.47 2.11
CM5 C49 D 10 2.66 9.25 -0.38
F C49 D 10 0.70 8.84 0.68
N SER E 1 9.83 2.19 -57.33
CA SER E 1 10.69 3.34 -57.47
C SER E 1 10.92 3.99 -56.12
N ALA E 2 11.74 5.02 -56.12
CA ALA E 2 12.07 5.71 -54.89
C ALA E 2 10.85 6.44 -54.33
N ARG E 3 10.67 6.36 -53.02
CA ARG E 3 9.51 6.95 -52.36
C ARG E 3 9.79 8.40 -51.98
N THR E 4 8.80 9.04 -51.37
CA THR E 4 8.86 10.44 -50.98
C THR E 4 9.13 10.54 -49.48
N LYS E 5 9.87 11.56 -49.08
CA LYS E 5 10.20 11.74 -47.66
C LYS E 5 8.94 11.90 -46.83
N GLN E 6 8.99 11.40 -45.61
CA GLN E 6 7.86 11.50 -44.70
C GLN E 6 7.98 12.79 -43.90
N THR E 7 6.93 13.59 -43.93
CA THR E 7 6.93 14.90 -43.29
C THR E 7 5.90 14.94 -42.17
N ALA E 8 5.98 16.01 -41.40
CA ALA E 8 4.97 16.32 -40.40
C ALA E 8 4.91 17.83 -40.25
N ARG E 9 3.88 18.30 -39.56
CA ARG E 9 3.76 19.74 -39.31
C ARG E 9 4.24 20.07 -37.91
N M2L E 10 4.96 21.18 -37.82
CA M2L E 10 5.61 21.56 -36.60
CB M2L E 10 7.08 21.90 -36.90
SG M2L E 10 8.10 22.28 -35.50
CD M2L E 10 9.60 21.67 -36.25
CE M2L E 10 10.81 22.32 -35.60
NZ M2L E 10 11.64 22.96 -36.59
CM1 M2L E 10 12.50 22.07 -37.31
CM2 M2L E 10 12.25 24.18 -36.13
C M2L E 10 4.92 22.72 -35.92
O M2L E 10 4.74 23.82 -36.69
N SER E 11 4.16 22.46 -34.86
CA SER E 11 3.38 23.52 -34.23
C SER E 11 4.29 24.43 -33.40
N THR E 12 4.22 25.73 -33.66
CA THR E 12 5.05 26.72 -32.97
C THR E 12 4.20 27.87 -32.44
N SAH F . 5.38 4.56 -3.07
CA SAH F . 6.52 5.33 -3.54
CB SAH F . 6.27 6.83 -3.43
CG SAH F . 4.83 7.27 -3.23
SD SAH F . 4.71 9.06 -3.06
C SAH F . 7.82 4.98 -2.77
O SAH F . 7.83 4.11 -1.89
OXT SAH F . 8.87 5.56 -3.03
C5' SAH F . 3.32 9.22 -4.22
C4' SAH F . 3.77 9.90 -5.51
O4' SAH F . 2.69 10.11 -6.40
C3' SAH F . 4.41 11.26 -5.27
O3' SAH F . 5.78 11.11 -5.56
C2' SAH F . 3.76 12.19 -6.28
O2' SAH F . 4.76 12.89 -7.00
C1' SAH F . 2.94 11.28 -7.17
N9 SAH F . 1.64 11.84 -7.59
C8 SAH F . 0.80 12.61 -6.84
N7 SAH F . -0.29 12.90 -7.59
C5 SAH F . -0.17 12.30 -8.81
C6 SAH F . -0.98 12.28 -9.93
N6 SAH F . -2.15 12.92 -9.96
N1 SAH F . -0.57 11.56 -11.04
C2 SAH F . 0.64 10.91 -11.03
N3 SAH F . 1.43 10.95 -9.90
C4 SAH F . 1.04 11.64 -8.81
#